data_5AAQ
#
_entry.id   5AAQ
#
_cell.length_a   1.000
_cell.length_b   1.000
_cell.length_c   1.000
_cell.angle_alpha   90.00
_cell.angle_beta   90.00
_cell.angle_gamma   90.00
#
_symmetry.space_group_name_H-M   'P 1'
#
loop_
_entity.id
_entity.type
_entity.pdbx_description
1 polymer 'CALCIUM-BINDING AND COILED-COIL DOMAIN-CONTAINING PROTEIN 2'
2 non-polymer 'ZINC ION'
#
_entity_poly.entity_id   1
_entity_poly.type   'polypeptide(L)'
_entity_poly.pdbx_seq_one_letter_code
;GSPSPLSIKKCPICKADDICDHTLEQQQMQPLCFNCPICDKIFPATEKQIFEDHVFCHSL
;
_entity_poly.pdbx_strand_id   A
#
# COMPACT_ATOMS: atom_id res chain seq x y z
N SER A 4 18.88 18.38 -0.06
CA SER A 4 18.53 17.28 0.88
C SER A 4 18.35 17.82 2.30
N PRO A 5 17.42 17.24 3.08
CA PRO A 5 17.16 17.67 4.45
C PRO A 5 18.24 17.20 5.42
N LEU A 6 18.95 16.14 5.04
CA LEU A 6 20.00 15.58 5.88
C LEU A 6 19.44 15.10 7.21
N SER A 7 20.10 14.10 7.80
CA SER A 7 19.66 13.55 9.07
C SER A 7 18.26 12.97 8.97
N ILE A 8 17.90 12.10 9.91
CA ILE A 8 16.59 11.48 9.92
C ILE A 8 15.50 12.49 10.29
N LYS A 9 14.53 12.65 9.41
CA LYS A 9 13.44 13.58 9.63
C LYS A 9 12.21 13.21 8.80
N LYS A 10 11.27 12.51 9.41
CA LYS A 10 10.06 12.09 8.72
C LYS A 10 8.88 12.97 9.12
N CYS A 11 8.11 13.39 8.13
CA CYS A 11 6.95 14.25 8.38
C CYS A 11 5.70 13.40 8.64
N PRO A 12 4.97 13.70 9.72
CA PRO A 12 3.75 12.96 10.07
C PRO A 12 2.63 13.23 9.09
N ILE A 13 1.97 12.16 8.65
CA ILE A 13 0.87 12.27 7.71
C ILE A 13 -0.41 12.71 8.41
N CYS A 14 -0.67 12.12 9.57
CA CYS A 14 -1.86 12.46 10.34
C CYS A 14 -1.56 12.44 11.84
N LYS A 15 -2.25 13.29 12.59
CA LYS A 15 -2.06 13.37 14.03
C LYS A 15 -2.85 12.28 14.74
N ALA A 16 -4.01 11.96 14.20
CA ALA A 16 -4.87 10.92 14.78
C ALA A 16 -4.24 9.55 14.63
N ASP A 17 -3.49 9.35 13.55
CA ASP A 17 -2.84 8.08 13.29
C ASP A 17 -1.51 7.98 14.03
N ASP A 18 -0.97 9.12 14.43
CA ASP A 18 0.31 9.16 15.14
C ASP A 18 0.30 8.22 16.35
N ILE A 19 -0.89 7.99 16.90
CA ILE A 19 -1.03 7.11 18.06
C ILE A 19 -1.08 5.65 17.63
N CYS A 20 -0.02 5.20 16.97
CA CYS A 20 0.07 3.82 16.51
C CYS A 20 1.38 3.57 15.78
N ASP A 21 1.57 2.35 15.30
CA ASP A 21 2.79 1.98 14.58
C ASP A 21 2.63 2.21 13.08
N HIS A 22 3.01 3.39 12.63
CA HIS A 22 2.91 3.74 11.21
C HIS A 22 3.92 2.96 10.38
N THR A 23 5.03 2.59 11.02
CA THR A 23 6.09 1.85 10.34
C THR A 23 6.71 2.68 9.21
N LEU A 24 7.97 3.03 9.38
CA LEU A 24 8.69 3.82 8.39
C LEU A 24 8.74 3.10 7.04
N GLU A 25 8.77 1.77 7.09
CA GLU A 25 8.82 0.96 5.87
C GLU A 25 7.59 1.22 5.00
N GLN A 26 6.48 1.54 5.65
CA GLN A 26 5.23 1.81 4.93
C GLN A 26 5.32 3.14 4.17
N GLN A 27 6.05 4.09 4.74
CA GLN A 27 6.22 5.40 4.13
C GLN A 27 7.12 5.32 2.90
N GLN A 28 8.06 4.40 2.93
CA GLN A 28 9.00 4.22 1.82
C GLN A 28 8.50 3.14 0.86
N MET A 29 7.21 3.21 0.51
CA MET A 29 6.61 2.24 -0.40
C MET A 29 5.41 2.85 -1.12
N GLN A 30 5.51 2.92 -2.45
CA GLN A 30 4.43 3.49 -3.26
C GLN A 30 3.78 2.40 -4.11
N PRO A 31 2.55 1.98 -3.76
CA PRO A 31 1.83 0.94 -4.51
C PRO A 31 1.56 1.35 -5.96
N LEU A 32 1.27 0.37 -6.80
CA LEU A 32 0.99 0.61 -8.20
C LEU A 32 -0.49 0.47 -8.50
N CYS A 33 -1.20 -0.28 -7.66
CA CYS A 33 -2.63 -0.50 -7.84
C CYS A 33 -3.30 -0.86 -6.51
N PHE A 34 -4.62 -0.78 -6.47
CA PHE A 34 -5.37 -1.10 -5.26
C PHE A 34 -6.62 -1.90 -5.59
N ASN A 35 -7.05 -2.72 -4.63
CA ASN A 35 -8.25 -3.55 -4.82
C ASN A 35 -9.07 -3.58 -3.54
N CYS A 36 -10.26 -3.00 -3.60
CA CYS A 36 -11.16 -2.97 -2.44
C CYS A 36 -11.84 -4.32 -2.24
N PRO A 37 -11.51 -5.04 -1.15
CA PRO A 37 -12.11 -6.34 -0.85
C PRO A 37 -13.53 -6.22 -0.32
N ILE A 38 -14.00 -4.98 -0.16
CA ILE A 38 -15.34 -4.72 0.34
C ILE A 38 -16.31 -4.45 -0.80
N CYS A 39 -15.80 -3.89 -1.89
CA CYS A 39 -16.63 -3.56 -3.05
C CYS A 39 -16.10 -4.20 -4.33
N ASP A 40 -14.91 -4.80 -4.25
CA ASP A 40 -14.31 -5.45 -5.41
C ASP A 40 -14.02 -4.43 -6.51
N LYS A 41 -13.50 -3.27 -6.11
CA LYS A 41 -13.17 -2.21 -7.06
C LYS A 41 -11.67 -1.95 -7.07
N ILE A 42 -11.12 -1.72 -8.27
CA ILE A 42 -9.70 -1.45 -8.41
C ILE A 42 -9.43 0.04 -8.53
N PHE A 43 -8.35 0.49 -7.91
CA PHE A 43 -7.98 1.91 -7.94
C PHE A 43 -6.51 2.09 -8.31
N PRO A 44 -6.22 2.73 -9.46
CA PRO A 44 -4.85 2.97 -9.91
C PRO A 44 -4.00 3.68 -8.85
N ALA A 45 -2.68 3.53 -8.95
CA ALA A 45 -1.77 4.16 -8.00
C ALA A 45 -2.03 5.66 -7.89
N THR A 46 -2.43 6.27 -9.01
CA THR A 46 -2.73 7.69 -9.04
C THR A 46 -4.05 7.98 -8.33
N GLU A 47 -4.89 6.96 -8.24
CA GLU A 47 -6.18 7.09 -7.58
C GLU A 47 -6.09 6.69 -6.11
N LYS A 48 -4.86 6.65 -5.58
CA LYS A 48 -4.65 6.29 -4.18
C LYS A 48 -5.49 7.18 -3.29
N GLN A 49 -5.57 8.46 -3.65
CA GLN A 49 -6.35 9.42 -2.89
C GLN A 49 -7.83 9.03 -2.94
N ILE A 50 -8.32 8.74 -4.15
CA ILE A 50 -9.71 8.33 -4.33
C ILE A 50 -9.94 6.99 -3.65
N PHE A 51 -8.92 6.14 -3.68
CA PHE A 51 -8.99 4.82 -3.07
C PHE A 51 -9.11 4.97 -1.55
N GLU A 52 -8.28 5.84 -0.99
CA GLU A 52 -8.29 6.07 0.46
C GLU A 52 -9.67 6.54 0.90
N ASP A 53 -10.25 7.45 0.13
CA ASP A 53 -11.57 7.96 0.45
C ASP A 53 -12.62 6.87 0.27
N HIS A 54 -12.41 6.03 -0.74
CA HIS A 54 -13.33 4.92 -1.02
C HIS A 54 -13.32 3.91 0.10
N VAL A 55 -12.13 3.51 0.55
CA VAL A 55 -12.01 2.54 1.63
C VAL A 55 -12.51 3.15 2.93
N PHE A 56 -12.31 4.46 3.08
CA PHE A 56 -12.74 5.17 4.28
C PHE A 56 -14.26 5.12 4.41
N CYS A 57 -14.95 5.32 3.30
CA CYS A 57 -16.41 5.29 3.29
C CYS A 57 -16.93 3.98 3.88
N HIS A 58 -16.16 2.92 3.70
CA HIS A 58 -16.53 1.60 4.21
C HIS A 58 -16.23 1.48 5.70
N SER A 59 -15.41 2.39 6.22
CA SER A 59 -15.06 2.38 7.63
C SER A 59 -15.83 3.45 8.41
N LEU A 60 -16.43 4.39 7.68
CA LEU A 60 -17.20 5.46 8.30
C LEU A 60 -18.68 5.12 8.34
N SER A 4 35.28 23.95 -8.63
CA SER A 4 34.25 23.68 -7.59
C SER A 4 34.39 22.26 -7.04
N PRO A 5 35.39 22.03 -6.15
CA PRO A 5 35.61 20.72 -5.56
C PRO A 5 34.54 20.34 -4.54
N LEU A 6 33.31 20.22 -5.02
CA LEU A 6 32.18 19.86 -4.16
C LEU A 6 31.64 18.48 -4.52
N SER A 7 31.55 18.21 -5.82
CA SER A 7 31.04 16.92 -6.29
C SER A 7 29.64 16.67 -5.77
N ILE A 8 28.65 16.80 -6.64
CA ILE A 8 27.25 16.57 -6.28
C ILE A 8 26.60 15.53 -7.19
N LYS A 9 26.46 14.31 -6.69
CA LYS A 9 25.86 13.23 -7.45
C LYS A 9 25.18 12.23 -6.53
N LYS A 10 25.98 11.37 -5.91
CA LYS A 10 25.46 10.35 -5.01
C LYS A 10 25.96 10.58 -3.58
N CYS A 11 25.04 10.88 -2.67
CA CYS A 11 25.39 11.11 -1.28
C CYS A 11 24.82 10.04 -0.38
N PRO A 12 25.64 9.48 0.53
CA PRO A 12 25.20 8.44 1.45
C PRO A 12 24.21 8.97 2.48
N ILE A 13 23.12 8.23 2.68
CA ILE A 13 22.09 8.61 3.63
C ILE A 13 22.56 8.38 5.06
N CYS A 14 22.83 7.12 5.39
CA CYS A 14 23.29 6.75 6.73
C CYS A 14 23.86 5.33 6.74
N LYS A 15 23.11 4.41 6.15
CA LYS A 15 23.55 3.01 6.10
C LYS A 15 24.61 2.81 5.02
N ALA A 16 24.53 3.62 3.97
CA ALA A 16 25.49 3.53 2.87
C ALA A 16 26.91 3.84 3.34
N ASP A 17 27.02 4.54 4.47
CA ASP A 17 28.32 4.88 5.02
C ASP A 17 28.89 3.75 5.86
N ASP A 18 28.02 2.87 6.35
CA ASP A 18 28.44 1.74 7.17
C ASP A 18 29.01 0.63 6.30
N ILE A 19 28.11 -0.13 5.67
CA ILE A 19 28.51 -1.23 4.80
C ILE A 19 27.32 -1.73 3.96
N CYS A 20 26.17 -1.86 4.61
CA CYS A 20 24.96 -2.32 3.92
C CYS A 20 24.53 -1.33 2.85
N ASP A 21 23.57 -1.72 2.03
CA ASP A 21 23.07 -0.88 0.96
C ASP A 21 21.67 -0.36 1.29
N HIS A 22 21.49 0.96 1.20
CA HIS A 22 20.21 1.57 1.49
C HIS A 22 19.23 1.37 0.33
N THR A 23 19.76 1.36 -0.88
CA THR A 23 18.93 1.17 -2.07
C THR A 23 17.92 2.29 -2.23
N LEU A 24 17.95 2.96 -3.38
CA LEU A 24 17.04 4.06 -3.65
C LEU A 24 15.59 3.59 -3.62
N GLU A 25 15.37 2.38 -4.13
CA GLU A 25 14.02 1.81 -4.17
C GLU A 25 13.44 1.68 -2.77
N GLN A 26 14.31 1.45 -1.79
CA GLN A 26 13.89 1.31 -0.40
C GLN A 26 13.44 2.65 0.16
N GLN A 27 14.05 3.72 -0.31
CA GLN A 27 13.70 5.07 0.14
C GLN A 27 12.34 5.49 -0.39
N GLN A 28 12.07 5.12 -1.64
CA GLN A 28 10.79 5.46 -2.27
C GLN A 28 10.01 4.21 -2.64
N MET A 29 9.00 3.88 -1.84
CA MET A 29 8.18 2.71 -2.08
C MET A 29 6.70 3.07 -2.03
N GLN A 30 6.01 2.90 -3.15
CA GLN A 30 4.59 3.20 -3.23
C GLN A 30 3.86 2.16 -4.08
N PRO A 31 2.61 1.82 -3.71
CA PRO A 31 1.82 0.83 -4.45
C PRO A 31 1.56 1.26 -5.89
N LEU A 32 1.30 0.28 -6.75
CA LEU A 32 1.04 0.55 -8.16
C LEU A 32 -0.45 0.40 -8.48
N CYS A 33 -1.17 -0.34 -7.63
CA CYS A 33 -2.60 -0.55 -7.83
C CYS A 33 -3.28 -0.89 -6.50
N PHE A 34 -4.60 -0.80 -6.47
CA PHE A 34 -5.35 -1.11 -5.26
C PHE A 34 -6.61 -1.91 -5.60
N ASN A 35 -7.04 -2.73 -4.64
CA ASN A 35 -8.23 -3.56 -4.81
C ASN A 35 -9.05 -3.60 -3.54
N CYS A 36 -10.25 -3.02 -3.59
CA CYS A 36 -11.13 -2.98 -2.43
C CYS A 36 -11.85 -4.32 -2.25
N PRO A 37 -11.54 -5.07 -1.17
CA PRO A 37 -12.16 -6.36 -0.89
C PRO A 37 -13.59 -6.20 -0.37
N ILE A 38 -14.00 -4.96 -0.15
CA ILE A 38 -15.34 -4.68 0.35
C ILE A 38 -16.32 -4.42 -0.78
N CYS A 39 -15.81 -3.86 -1.87
CA CYS A 39 -16.65 -3.53 -3.02
C CYS A 39 -16.15 -4.21 -4.30
N ASP A 40 -14.94 -4.77 -4.25
CA ASP A 40 -14.36 -5.45 -5.40
C ASP A 40 -14.04 -4.45 -6.51
N LYS A 41 -13.55 -3.28 -6.13
CA LYS A 41 -13.22 -2.24 -7.09
C LYS A 41 -11.71 -1.96 -7.07
N ILE A 42 -11.15 -1.74 -8.25
CA ILE A 42 -9.72 -1.45 -8.38
C ILE A 42 -9.46 0.05 -8.48
N PHE A 43 -8.33 0.48 -7.94
CA PHE A 43 -7.97 1.89 -7.96
C PHE A 43 -6.49 2.08 -8.29
N PRO A 44 -6.16 2.70 -9.44
CA PRO A 44 -4.77 2.94 -9.85
C PRO A 44 -3.97 3.67 -8.79
N ALA A 45 -2.65 3.51 -8.84
CA ALA A 45 -1.76 4.16 -7.87
C ALA A 45 -2.01 5.66 -7.80
N THR A 46 -2.39 6.26 -8.93
CA THR A 46 -2.67 7.69 -8.99
C THR A 46 -4.01 7.98 -8.33
N GLU A 47 -4.88 6.98 -8.26
CA GLU A 47 -6.19 7.13 -7.64
C GLU A 47 -6.14 6.76 -6.16
N LYS A 48 -4.93 6.70 -5.60
CA LYS A 48 -4.76 6.36 -4.19
C LYS A 48 -5.58 7.30 -3.32
N GLN A 49 -5.69 8.55 -3.76
CA GLN A 49 -6.46 9.54 -3.02
C GLN A 49 -7.94 9.15 -2.99
N ILE A 50 -8.47 8.82 -4.17
CA ILE A 50 -9.86 8.40 -4.29
C ILE A 50 -10.04 7.05 -3.62
N PHE A 51 -9.00 6.21 -3.71
CA PHE A 51 -9.04 4.90 -3.10
C PHE A 51 -9.12 5.02 -1.59
N GLU A 52 -8.29 5.91 -1.03
CA GLU A 52 -8.29 6.13 0.41
C GLU A 52 -9.66 6.58 0.86
N ASP A 53 -10.25 7.49 0.11
CA ASP A 53 -11.59 7.99 0.43
C ASP A 53 -12.62 6.89 0.25
N HIS A 54 -12.40 6.05 -0.77
CA HIS A 54 -13.30 4.94 -1.05
C HIS A 54 -13.29 3.92 0.08
N VAL A 55 -12.10 3.54 0.54
CA VAL A 55 -11.98 2.58 1.63
C VAL A 55 -12.49 3.18 2.93
N PHE A 56 -12.28 4.48 3.11
CA PHE A 56 -12.72 5.18 4.30
C PHE A 56 -14.24 5.13 4.42
N CYS A 57 -14.93 5.33 3.31
CA CYS A 57 -16.39 5.30 3.29
C CYS A 57 -16.90 3.99 3.88
N HIS A 58 -16.13 2.93 3.68
CA HIS A 58 -16.50 1.60 4.18
C HIS A 58 -16.19 1.48 5.66
N SER A 59 -15.29 2.33 6.16
CA SER A 59 -14.92 2.31 7.57
C SER A 59 -15.71 3.33 8.37
N LEU A 60 -16.36 4.26 7.68
CA LEU A 60 -17.15 5.30 8.34
C LEU A 60 -18.63 4.93 8.34
N SER A 4 34.21 -5.05 -10.61
CA SER A 4 33.10 -4.85 -9.66
C SER A 4 32.68 -6.16 -9.01
N PRO A 5 32.18 -6.10 -7.76
CA PRO A 5 31.74 -7.29 -7.03
C PRO A 5 30.49 -7.91 -7.63
N LEU A 6 29.67 -7.09 -8.28
CA LEU A 6 28.44 -7.57 -8.90
C LEU A 6 28.54 -7.51 -10.42
N SER A 7 27.73 -8.32 -11.09
CA SER A 7 27.72 -8.36 -12.55
C SER A 7 26.37 -8.81 -13.08
N ILE A 8 25.83 -9.85 -12.48
CA ILE A 8 24.53 -10.38 -12.89
C ILE A 8 23.39 -9.64 -12.19
N LYS A 9 22.34 -9.33 -12.94
CA LYS A 9 21.19 -8.62 -12.38
C LYS A 9 19.95 -9.51 -12.37
N LYS A 10 19.36 -9.66 -11.20
CA LYS A 10 18.16 -10.49 -11.05
C LYS A 10 16.90 -9.64 -11.02
N CYS A 11 16.00 -9.88 -11.96
CA CYS A 11 14.75 -9.12 -12.03
C CYS A 11 13.70 -9.71 -11.10
N PRO A 12 12.86 -8.85 -10.51
CA PRO A 12 11.81 -9.30 -9.58
C PRO A 12 10.74 -10.11 -10.29
N ILE A 13 10.37 -11.23 -9.70
CA ILE A 13 9.36 -12.11 -10.27
C ILE A 13 9.81 -12.69 -11.60
N CYS A 14 10.33 -13.91 -11.57
CA CYS A 14 10.81 -14.57 -12.78
C CYS A 14 11.10 -16.05 -12.51
N LYS A 15 11.15 -16.84 -13.57
CA LYS A 15 11.42 -18.27 -13.45
C LYS A 15 12.91 -18.53 -13.32
N ALA A 16 13.72 -17.66 -13.94
CA ALA A 16 15.17 -17.81 -13.88
C ALA A 16 15.70 -17.50 -12.47
N ASP A 17 14.97 -16.67 -11.73
CA ASP A 17 15.37 -16.30 -10.38
C ASP A 17 14.77 -17.25 -9.35
N ASP A 18 14.19 -18.36 -9.82
CA ASP A 18 13.58 -19.34 -8.93
C ASP A 18 12.41 -18.73 -8.16
N ILE A 19 11.23 -19.29 -8.35
CA ILE A 19 10.03 -18.80 -7.68
C ILE A 19 9.70 -19.65 -6.45
N CYS A 20 10.74 -20.18 -5.82
CA CYS A 20 10.58 -21.01 -4.63
C CYS A 20 10.09 -20.17 -3.45
N ASP A 21 10.95 -19.27 -2.97
CA ASP A 21 10.61 -18.41 -1.85
C ASP A 21 10.56 -16.95 -2.28
N HIS A 22 9.37 -16.51 -2.71
CA HIS A 22 9.19 -15.13 -3.15
C HIS A 22 8.87 -14.21 -1.98
N THR A 23 8.22 -14.77 -0.96
CA THR A 23 7.85 -14.00 0.22
C THR A 23 6.90 -12.87 -0.14
N LEU A 24 5.63 -13.03 0.20
CA LEU A 24 4.62 -12.01 -0.08
C LEU A 24 4.93 -10.72 0.65
N GLU A 25 5.44 -10.85 1.87
CA GLU A 25 5.78 -9.69 2.69
C GLU A 25 6.86 -8.85 2.01
N GLN A 26 7.80 -9.51 1.35
CA GLN A 26 8.89 -8.82 0.67
C GLN A 26 8.38 -8.10 -0.57
N GLN A 27 7.34 -8.66 -1.20
CA GLN A 27 6.76 -8.07 -2.40
C GLN A 27 5.96 -6.82 -2.05
N GLN A 28 5.12 -6.93 -1.03
CA GLN A 28 4.30 -5.81 -0.59
C GLN A 28 5.15 -4.74 0.08
N MET A 29 5.09 -3.52 -0.45
CA MET A 29 5.86 -2.40 0.10
C MET A 29 5.27 -1.07 -0.34
N GLN A 30 4.94 -0.97 -1.61
CA GLN A 30 4.38 0.26 -2.17
C GLN A 30 3.89 0.03 -3.60
N PRO A 31 2.76 -0.68 -3.77
CA PRO A 31 2.18 -0.96 -5.09
C PRO A 31 1.60 0.28 -5.74
N LEU A 32 1.40 0.23 -7.05
CA LEU A 32 0.84 1.35 -7.80
C LEU A 32 -0.66 1.17 -8.01
N CYS A 33 -1.20 0.03 -7.62
CA CYS A 33 -2.62 -0.22 -7.79
C CYS A 33 -3.23 -0.66 -6.48
N PHE A 34 -4.54 -0.50 -6.36
CA PHE A 34 -5.24 -0.85 -5.14
C PHE A 34 -6.44 -1.72 -5.39
N ASN A 35 -6.86 -2.44 -4.36
CA ASN A 35 -8.01 -3.33 -4.45
C ASN A 35 -8.87 -3.25 -3.18
N CYS A 36 -10.16 -3.01 -3.37
CA CYS A 36 -11.08 -2.92 -2.24
C CYS A 36 -11.77 -4.26 -1.99
N PRO A 37 -11.49 -4.90 -0.85
CA PRO A 37 -12.09 -6.20 -0.50
C PRO A 37 -13.53 -6.06 -0.03
N ILE A 38 -14.02 -4.82 0.01
CA ILE A 38 -15.38 -4.55 0.44
C ILE A 38 -16.30 -4.30 -0.76
N CYS A 39 -15.72 -3.81 -1.84
CA CYS A 39 -16.49 -3.52 -3.06
C CYS A 39 -15.92 -4.23 -4.28
N ASP A 40 -14.74 -4.84 -4.12
CA ASP A 40 -14.09 -5.55 -5.21
C ASP A 40 -13.80 -4.61 -6.39
N LYS A 41 -13.33 -3.42 -6.07
CA LYS A 41 -13.01 -2.42 -7.10
C LYS A 41 -11.52 -2.11 -7.11
N ILE A 42 -10.98 -1.91 -8.32
CA ILE A 42 -9.56 -1.60 -8.48
C ILE A 42 -9.36 -0.09 -8.62
N PHE A 43 -8.22 0.41 -8.15
CA PHE A 43 -7.93 1.83 -8.23
C PHE A 43 -6.50 2.10 -8.71
N PRO A 44 -6.34 2.89 -9.79
CA PRO A 44 -5.02 3.23 -10.35
C PRO A 44 -4.15 3.96 -9.32
N ALA A 45 -2.83 3.94 -9.52
CA ALA A 45 -1.90 4.60 -8.61
C ALA A 45 -2.27 6.05 -8.38
N THR A 46 -2.81 6.69 -9.42
CA THR A 46 -3.21 8.08 -9.32
C THR A 46 -4.53 8.21 -8.56
N GLU A 47 -5.13 7.06 -8.25
CA GLU A 47 -6.39 7.03 -7.53
C GLU A 47 -6.19 6.59 -6.08
N LYS A 48 -4.94 6.67 -5.61
CA LYS A 48 -4.63 6.27 -4.24
C LYS A 48 -5.40 7.14 -3.26
N GLN A 49 -5.47 8.44 -3.56
CA GLN A 49 -6.19 9.38 -2.72
C GLN A 49 -7.68 9.03 -2.70
N ILE A 50 -8.25 8.84 -3.88
CA ILE A 50 -9.65 8.48 -3.99
C ILE A 50 -9.89 7.10 -3.40
N PHE A 51 -8.89 6.24 -3.53
CA PHE A 51 -8.99 4.89 -2.99
C PHE A 51 -9.09 4.95 -1.47
N GLU A 52 -8.22 5.74 -0.86
CA GLU A 52 -8.22 5.89 0.60
C GLU A 52 -9.58 6.41 1.06
N ASP A 53 -10.12 7.37 0.33
CA ASP A 53 -11.43 7.93 0.66
C ASP A 53 -12.50 6.87 0.42
N HIS A 54 -12.31 6.08 -0.62
CA HIS A 54 -13.26 5.02 -0.97
C HIS A 54 -13.31 3.96 0.13
N VAL A 55 -12.14 3.53 0.60
CA VAL A 55 -12.07 2.52 1.66
C VAL A 55 -12.61 3.10 2.97
N PHE A 56 -12.41 4.40 3.16
CA PHE A 56 -12.88 5.08 4.36
C PHE A 56 -14.41 5.05 4.43
N CYS A 57 -15.05 5.29 3.28
CA CYS A 57 -16.50 5.29 3.20
C CYS A 57 -17.08 3.98 3.74
N HIS A 58 -16.29 2.90 3.58
CA HIS A 58 -16.71 1.59 4.05
C HIS A 58 -16.50 1.45 5.56
N SER A 59 -15.56 2.21 6.10
CA SER A 59 -15.28 2.18 7.53
C SER A 59 -16.09 3.23 8.28
N LEU A 60 -16.65 4.18 7.55
CA LEU A 60 -17.46 5.25 8.15
C LEU A 60 -18.54 5.72 7.19
N SER A 4 6.88 -22.95 15.51
CA SER A 4 6.23 -22.20 14.40
C SER A 4 5.53 -23.15 13.44
N PRO A 5 4.20 -23.35 13.60
CA PRO A 5 3.42 -24.23 12.74
C PRO A 5 3.31 -23.69 11.31
N LEU A 6 3.42 -22.37 11.17
CA LEU A 6 3.33 -21.73 9.86
C LEU A 6 4.06 -20.40 9.86
N SER A 7 3.81 -19.61 10.90
CA SER A 7 4.43 -18.29 11.02
C SER A 7 4.00 -17.61 12.31
N ILE A 8 4.98 -17.27 13.15
CA ILE A 8 4.71 -16.60 14.42
C ILE A 8 4.71 -15.09 14.25
N LYS A 9 3.91 -14.59 13.32
CA LYS A 9 3.82 -13.16 13.06
C LYS A 9 5.16 -12.61 12.56
N LYS A 10 6.04 -13.49 12.11
CA LYS A 10 7.34 -13.09 11.60
C LYS A 10 7.51 -13.46 10.14
N CYS A 11 7.81 -12.48 9.30
CA CYS A 11 7.99 -12.71 7.88
C CYS A 11 9.48 -12.76 7.51
N PRO A 12 9.92 -13.87 6.91
CA PRO A 12 11.32 -14.03 6.51
C PRO A 12 11.71 -13.11 5.37
N ILE A 13 12.84 -12.45 5.51
CA ILE A 13 13.33 -11.52 4.49
C ILE A 13 14.71 -10.97 4.87
N CYS A 14 14.88 -10.66 6.15
CA CYS A 14 16.16 -10.12 6.63
C CYS A 14 16.31 -10.35 8.13
N LYS A 15 15.24 -10.06 8.87
CA LYS A 15 15.25 -10.24 10.32
C LYS A 15 15.43 -11.71 10.69
N ALA A 16 14.96 -12.60 9.83
CA ALA A 16 15.07 -14.02 10.09
C ALA A 16 16.51 -14.50 9.94
N ASP A 17 17.23 -13.91 8.98
CA ASP A 17 18.62 -14.27 8.74
C ASP A 17 19.57 -13.42 9.58
N ASP A 18 19.09 -12.24 9.98
CA ASP A 18 19.91 -11.34 10.79
C ASP A 18 21.14 -10.88 10.01
N ILE A 19 21.99 -10.10 10.67
CA ILE A 19 23.21 -9.61 10.04
C ILE A 19 22.89 -8.77 8.81
N CYS A 20 21.77 -8.04 8.87
CA CYS A 20 21.35 -7.20 7.76
C CYS A 20 20.56 -6.00 8.27
N ASP A 21 20.33 -5.03 7.39
CA ASP A 21 19.58 -3.84 7.74
C ASP A 21 18.42 -3.62 6.79
N HIS A 22 17.20 -3.66 7.32
CA HIS A 22 16.00 -3.45 6.51
C HIS A 22 15.69 -1.96 6.36
N THR A 23 15.85 -1.22 7.45
CA THR A 23 15.57 0.21 7.43
C THR A 23 14.14 0.50 7.01
N LEU A 24 13.72 1.75 7.16
CA LEU A 24 12.37 2.15 6.79
C LEU A 24 12.14 2.00 5.29
N GLU A 25 13.22 2.06 4.51
CA GLU A 25 13.14 1.93 3.06
C GLU A 25 12.48 0.61 2.67
N GLN A 26 12.82 -0.46 3.41
CA GLN A 26 12.25 -1.78 3.14
C GLN A 26 10.77 -1.82 3.50
N GLN A 27 10.41 -1.11 4.55
CA GLN A 27 9.02 -1.07 5.01
C GLN A 27 8.18 -0.17 4.10
N GLN A 28 8.76 0.95 3.68
CA GLN A 28 8.06 1.88 2.80
C GLN A 28 8.02 1.35 1.37
N MET A 29 7.02 1.79 0.62
CA MET A 29 6.86 1.35 -0.77
C MET A 29 5.70 2.08 -1.44
N GLN A 30 5.84 2.34 -2.73
CA GLN A 30 4.81 3.03 -3.49
C GLN A 30 3.95 2.03 -4.29
N PRO A 31 2.70 1.80 -3.87
CA PRO A 31 1.81 0.87 -4.55
C PRO A 31 1.55 1.27 -6.00
N LEU A 32 1.27 0.29 -6.84
CA LEU A 32 1.00 0.53 -8.25
C LEU A 32 -0.49 0.40 -8.55
N CYS A 33 -1.20 -0.35 -7.71
CA CYS A 33 -2.64 -0.56 -7.89
C CYS A 33 -3.29 -0.91 -6.56
N PHE A 34 -4.61 -0.81 -6.51
CA PHE A 34 -5.35 -1.12 -5.29
C PHE A 34 -6.61 -1.93 -5.60
N ASN A 35 -7.03 -2.74 -4.64
CA ASN A 35 -8.22 -3.58 -4.82
C ASN A 35 -9.05 -3.61 -3.53
N CYS A 36 -10.24 -3.03 -3.58
CA CYS A 36 -11.11 -3.00 -2.42
C CYS A 36 -11.82 -4.34 -2.24
N PRO A 37 -11.51 -5.07 -1.15
CA PRO A 37 -12.13 -6.37 -0.87
C PRO A 37 -13.55 -6.22 -0.33
N ILE A 38 -13.98 -4.98 -0.14
CA ILE A 38 -15.31 -4.71 0.37
C ILE A 38 -16.30 -4.44 -0.77
N CYS A 39 -15.80 -3.89 -1.86
CA CYS A 39 -16.64 -3.57 -3.01
C CYS A 39 -16.12 -4.23 -4.30
N ASP A 40 -14.91 -4.78 -4.24
CA ASP A 40 -14.33 -5.45 -5.40
C ASP A 40 -14.02 -4.44 -6.50
N LYS A 41 -13.53 -3.26 -6.10
CA LYS A 41 -13.20 -2.21 -7.05
C LYS A 41 -11.70 -1.94 -7.06
N ILE A 42 -11.16 -1.70 -8.25
CA ILE A 42 -9.73 -1.43 -8.40
C ILE A 42 -9.46 0.07 -8.48
N PHE A 43 -8.32 0.50 -7.94
CA PHE A 43 -7.95 1.90 -7.96
C PHE A 43 -6.47 2.09 -8.29
N PRO A 44 -6.16 2.73 -9.43
CA PRO A 44 -4.77 2.96 -9.85
C PRO A 44 -3.94 3.67 -8.78
N ALA A 45 -2.62 3.52 -8.84
CA ALA A 45 -1.73 4.15 -7.87
C ALA A 45 -1.99 5.64 -7.79
N THR A 46 -2.37 6.24 -8.90
CA THR A 46 -2.65 7.68 -8.94
C THR A 46 -4.00 7.97 -8.29
N GLU A 47 -4.85 6.95 -8.22
CA GLU A 47 -6.16 7.09 -7.61
C GLU A 47 -6.11 6.73 -6.13
N LYS A 48 -4.90 6.69 -5.57
CA LYS A 48 -4.73 6.36 -4.15
C LYS A 48 -5.56 7.29 -3.29
N GLN A 49 -5.67 8.54 -3.72
CA GLN A 49 -6.44 9.54 -2.99
C GLN A 49 -7.92 9.13 -2.97
N ILE A 50 -8.44 8.82 -4.16
CA ILE A 50 -9.82 8.39 -4.30
C ILE A 50 -10.02 7.04 -3.63
N PHE A 51 -8.98 6.21 -3.70
CA PHE A 51 -9.03 4.89 -3.09
C PHE A 51 -9.12 5.01 -1.57
N GLU A 52 -8.30 5.90 -1.01
CA GLU A 52 -8.30 6.12 0.43
C GLU A 52 -9.67 6.58 0.88
N ASP A 53 -10.26 7.49 0.12
CA ASP A 53 -11.60 7.99 0.44
C ASP A 53 -12.63 6.88 0.25
N HIS A 54 -12.40 6.05 -0.76
CA HIS A 54 -13.31 4.94 -1.05
C HIS A 54 -13.30 3.92 0.09
N VAL A 55 -12.12 3.54 0.55
CA VAL A 55 -12.00 2.58 1.64
C VAL A 55 -12.51 3.19 2.94
N PHE A 56 -12.32 4.50 3.08
CA PHE A 56 -12.76 5.21 4.28
C PHE A 56 -14.28 5.14 4.41
N CYS A 57 -14.97 5.34 3.29
CA CYS A 57 -16.44 5.29 3.29
C CYS A 57 -16.94 3.97 3.88
N HIS A 58 -16.16 2.92 3.69
CA HIS A 58 -16.51 1.60 4.19
C HIS A 58 -16.22 1.49 5.69
N SER A 59 -15.35 2.37 6.18
CA SER A 59 -14.99 2.36 7.60
C SER A 59 -15.79 3.39 8.39
N LEU A 60 -16.42 4.32 7.68
CA LEU A 60 -17.22 5.35 8.32
C LEU A 60 -18.71 4.97 8.33
N SER A 4 2.81 -1.15 14.84
CA SER A 4 1.79 -0.08 14.65
C SER A 4 1.31 0.48 15.98
N PRO A 5 0.82 -0.38 16.90
CA PRO A 5 0.34 0.05 18.21
C PRO A 5 1.48 0.36 19.19
N LEU A 6 2.32 1.30 18.81
CA LEU A 6 3.45 1.69 19.65
C LEU A 6 3.74 3.18 19.51
N SER A 7 4.65 3.68 20.34
CA SER A 7 5.02 5.10 20.30
C SER A 7 6.24 5.32 19.41
N ILE A 8 7.12 4.33 19.36
CA ILE A 8 8.32 4.42 18.54
C ILE A 8 8.07 3.88 17.13
N LYS A 9 8.75 4.47 16.16
CA LYS A 9 8.61 4.06 14.77
C LYS A 9 9.97 3.84 14.12
N LYS A 10 10.95 3.43 14.92
CA LYS A 10 12.30 3.18 14.43
C LYS A 10 12.68 1.72 14.57
N CYS A 11 13.16 1.12 13.49
CA CYS A 11 13.56 -0.28 13.51
C CYS A 11 14.99 -0.44 12.98
N PRO A 12 15.86 -1.13 13.73
CA PRO A 12 17.24 -1.35 13.33
C PRO A 12 17.34 -1.96 11.94
N ILE A 13 18.22 -1.40 11.12
CA ILE A 13 18.42 -1.88 9.75
C ILE A 13 19.89 -1.81 9.36
N CYS A 14 20.66 -2.78 9.83
CA CYS A 14 22.09 -2.83 9.52
C CYS A 14 22.46 -4.13 8.82
N LYS A 15 23.16 -4.03 7.70
CA LYS A 15 23.56 -5.20 6.94
C LYS A 15 24.51 -6.07 7.75
N ALA A 16 25.31 -5.45 8.61
CA ALA A 16 26.26 -6.17 9.44
C ALA A 16 25.55 -6.96 10.53
N ASP A 17 24.41 -6.45 10.98
CA ASP A 17 23.63 -7.12 12.02
C ASP A 17 22.60 -8.06 11.40
N ASP A 18 22.24 -7.82 10.15
CA ASP A 18 21.26 -8.66 9.46
C ASP A 18 21.95 -9.81 8.74
N ILE A 19 21.27 -10.94 8.66
CA ILE A 19 21.82 -12.12 8.00
C ILE A 19 21.09 -12.40 6.67
N CYS A 20 19.84 -11.94 6.58
CA CYS A 20 19.04 -12.15 5.38
C CYS A 20 19.15 -10.95 4.45
N ASP A 21 18.56 -11.07 3.26
CA ASP A 21 18.59 -9.99 2.28
C ASP A 21 17.54 -8.94 2.62
N HIS A 22 18.01 -7.70 2.82
CA HIS A 22 17.10 -6.60 3.15
C HIS A 22 16.26 -6.22 1.95
N THR A 23 16.84 -6.30 0.76
CA THR A 23 16.12 -5.97 -0.47
C THR A 23 15.69 -4.51 -0.47
N LEU A 24 16.25 -3.73 -1.40
CA LEU A 24 15.92 -2.31 -1.50
C LEU A 24 14.44 -2.12 -1.83
N GLU A 25 13.88 -3.07 -2.56
CA GLU A 25 12.48 -3.01 -2.95
C GLU A 25 11.57 -3.14 -1.74
N GLN A 26 11.91 -4.07 -0.85
CA GLN A 26 11.13 -4.30 0.35
C GLN A 26 11.25 -3.12 1.32
N GLN A 27 12.41 -2.46 1.29
CA GLN A 27 12.65 -1.32 2.16
C GLN A 27 11.73 -0.16 1.82
N GLN A 28 11.59 0.11 0.52
CA GLN A 28 10.73 1.20 0.06
C GLN A 28 9.29 0.73 -0.08
N MET A 29 8.37 1.69 -0.15
CA MET A 29 6.96 1.38 -0.29
C MET A 29 6.30 2.28 -1.33
N GLN A 30 5.75 1.67 -2.37
CA GLN A 30 5.08 2.41 -3.44
C GLN A 30 4.12 1.53 -4.22
N PRO A 31 2.82 1.53 -3.84
CA PRO A 31 1.81 0.70 -4.51
C PRO A 31 1.53 1.18 -5.94
N LEU A 32 1.27 0.24 -6.84
CA LEU A 32 0.98 0.56 -8.22
C LEU A 32 -0.50 0.40 -8.53
N CYS A 33 -1.20 -0.39 -7.72
CA CYS A 33 -2.63 -0.62 -7.89
C CYS A 33 -3.29 -0.95 -6.56
N PHE A 34 -4.62 -0.86 -6.53
CA PHE A 34 -5.37 -1.15 -5.31
C PHE A 34 -6.61 -1.98 -5.62
N ASN A 35 -7.04 -2.77 -4.66
CA ASN A 35 -8.23 -3.60 -4.82
C ASN A 35 -9.06 -3.63 -3.55
N CYS A 36 -10.25 -3.03 -3.60
CA CYS A 36 -11.13 -2.99 -2.43
C CYS A 36 -11.84 -4.33 -2.22
N PRO A 37 -11.51 -5.04 -1.13
CA PRO A 37 -12.12 -6.35 -0.82
C PRO A 37 -13.56 -6.20 -0.31
N ILE A 38 -13.99 -4.96 -0.15
CA ILE A 38 -15.33 -4.67 0.34
C ILE A 38 -16.30 -4.40 -0.81
N CYS A 39 -15.77 -3.86 -1.91
CA CYS A 39 -16.60 -3.53 -3.07
C CYS A 39 -16.06 -4.18 -4.34
N ASP A 40 -14.88 -4.79 -4.26
CA ASP A 40 -14.28 -5.45 -5.41
C ASP A 40 -13.95 -4.43 -6.51
N LYS A 41 -13.54 -3.24 -6.09
CA LYS A 41 -13.20 -2.17 -7.03
C LYS A 41 -11.69 -1.94 -7.05
N ILE A 42 -11.15 -1.76 -8.25
CA ILE A 42 -9.72 -1.53 -8.41
C ILE A 42 -9.41 -0.03 -8.55
N PHE A 43 -8.36 0.41 -7.89
CA PHE A 43 -7.97 1.82 -7.95
C PHE A 43 -6.47 1.97 -8.27
N PRO A 44 -6.13 2.71 -9.34
CA PRO A 44 -4.73 2.91 -9.74
C PRO A 44 -3.95 3.71 -8.68
N ALA A 45 -2.63 3.56 -8.70
CA ALA A 45 -1.78 4.26 -7.74
C ALA A 45 -2.05 5.76 -7.74
N THR A 46 -2.41 6.29 -8.90
CA THR A 46 -2.72 7.72 -9.02
C THR A 46 -4.05 8.04 -8.35
N GLU A 47 -4.92 7.03 -8.27
CA GLU A 47 -6.22 7.20 -7.65
C GLU A 47 -6.16 6.81 -6.17
N LYS A 48 -4.95 6.75 -5.62
CA LYS A 48 -4.77 6.40 -4.21
C LYS A 48 -5.58 7.33 -3.33
N GLN A 49 -5.71 8.58 -3.76
CA GLN A 49 -6.47 9.57 -3.01
C GLN A 49 -7.94 9.17 -2.98
N ILE A 50 -8.48 8.86 -4.16
CA ILE A 50 -9.87 8.43 -4.26
C ILE A 50 -10.04 7.07 -3.61
N PHE A 51 -9.01 6.23 -3.72
CA PHE A 51 -9.05 4.91 -3.11
C PHE A 51 -9.12 5.03 -1.60
N GLU A 52 -8.28 5.91 -1.03
CA GLU A 52 -8.27 6.13 0.41
C GLU A 52 -9.64 6.58 0.87
N ASP A 53 -10.24 7.50 0.13
CA ASP A 53 -11.57 7.99 0.46
C ASP A 53 -12.60 6.88 0.27
N HIS A 54 -12.38 6.05 -0.75
CA HIS A 54 -13.29 4.94 -1.04
C HIS A 54 -13.29 3.93 0.10
N VAL A 55 -12.10 3.55 0.55
CA VAL A 55 -11.98 2.59 1.64
C VAL A 55 -12.50 3.19 2.94
N PHE A 56 -12.31 4.51 3.09
CA PHE A 56 -12.76 5.22 4.28
C PHE A 56 -14.28 5.14 4.41
N CYS A 57 -14.98 5.33 3.30
CA CYS A 57 -16.43 5.29 3.29
C CYS A 57 -16.94 3.97 3.87
N HIS A 58 -16.16 2.92 3.68
CA HIS A 58 -16.51 1.59 4.18
C HIS A 58 -16.20 1.47 5.68
N SER A 59 -15.33 2.35 6.17
CA SER A 59 -14.96 2.34 7.59
C SER A 59 -15.76 3.37 8.38
N LEU A 60 -16.40 4.30 7.67
CA LEU A 60 -17.19 5.33 8.33
C LEU A 60 -18.66 4.95 8.36
N SER A 4 1.02 17.96 8.05
CA SER A 4 1.82 16.75 8.38
C SER A 4 1.65 16.36 9.84
N PRO A 5 0.58 15.61 10.16
CA PRO A 5 0.31 15.16 11.53
C PRO A 5 1.31 14.12 12.02
N LEU A 6 1.86 13.36 11.07
CA LEU A 6 2.84 12.33 11.41
C LEU A 6 3.56 11.85 10.16
N SER A 7 4.53 10.96 10.34
CA SER A 7 5.31 10.43 9.23
C SER A 7 5.86 9.04 9.56
N ILE A 8 5.92 8.17 8.56
CA ILE A 8 6.43 6.83 8.75
C ILE A 8 7.72 6.61 7.97
N LYS A 9 8.69 5.96 8.60
CA LYS A 9 9.98 5.70 7.98
C LYS A 9 10.09 4.23 7.57
N LYS A 10 11.25 3.86 7.04
CA LYS A 10 11.49 2.48 6.60
C LYS A 10 12.19 1.69 7.69
N CYS A 11 11.70 0.48 7.95
CA CYS A 11 12.28 -0.38 8.97
C CYS A 11 13.11 -1.49 8.33
N PRO A 12 14.25 -1.85 8.94
CA PRO A 12 15.12 -2.90 8.42
C PRO A 12 14.49 -4.28 8.54
N ILE A 13 14.56 -5.04 7.45
CA ILE A 13 14.00 -6.38 7.41
C ILE A 13 15.10 -7.43 7.24
N CYS A 14 15.91 -7.61 8.28
CA CYS A 14 17.00 -8.58 8.24
C CYS A 14 16.49 -9.98 8.54
N LYS A 15 16.96 -10.96 7.77
CA LYS A 15 16.55 -12.35 7.95
C LYS A 15 17.27 -12.98 9.14
N ALA A 16 18.47 -12.49 9.43
CA ALA A 16 19.26 -13.00 10.55
C ALA A 16 18.59 -12.71 11.88
N ASP A 17 17.82 -11.63 11.93
CA ASP A 17 17.12 -11.24 13.15
C ASP A 17 15.76 -11.92 13.25
N ASP A 18 15.21 -12.33 12.12
CA ASP A 18 13.91 -13.00 12.09
C ASP A 18 14.06 -14.46 11.67
N ILE A 19 12.94 -15.17 11.63
CA ILE A 19 12.94 -16.58 11.25
C ILE A 19 11.73 -16.92 10.40
N CYS A 20 11.25 -15.93 9.64
CA CYS A 20 10.09 -16.13 8.78
C CYS A 20 10.32 -15.50 7.41
N ASP A 21 9.29 -15.52 6.56
CA ASP A 21 9.38 -14.95 5.23
C ASP A 21 9.01 -13.47 5.24
N HIS A 22 9.90 -12.63 4.75
CA HIS A 22 9.67 -11.20 4.70
C HIS A 22 8.75 -10.83 3.54
N THR A 23 8.67 -11.70 2.54
CA THR A 23 7.84 -11.47 1.37
C THR A 23 8.29 -10.23 0.60
N LEU A 24 8.26 -10.32 -0.72
CA LEU A 24 8.67 -9.22 -1.58
C LEU A 24 7.79 -8.00 -1.36
N GLU A 25 6.54 -8.23 -0.95
CA GLU A 25 5.60 -7.15 -0.70
C GLU A 25 6.15 -6.16 0.33
N GLN A 26 6.71 -6.69 1.40
CA GLN A 26 7.27 -5.86 2.46
C GLN A 26 8.57 -5.20 2.00
N GLN A 27 9.30 -5.88 1.12
CA GLN A 27 10.56 -5.36 0.61
C GLN A 27 10.32 -4.15 -0.29
N GLN A 28 9.22 -4.18 -1.04
CA GLN A 28 8.88 -3.08 -1.93
C GLN A 28 7.99 -2.05 -1.23
N MET A 29 7.89 -0.86 -1.81
CA MET A 29 7.08 0.20 -1.24
C MET A 29 6.37 0.99 -2.34
N GLN A 30 5.42 1.82 -1.93
CA GLN A 30 4.66 2.63 -2.88
C GLN A 30 3.91 1.73 -3.87
N PRO A 31 2.67 1.33 -3.53
CA PRO A 31 1.85 0.47 -4.39
C PRO A 31 1.56 1.11 -5.74
N LEU A 32 1.28 0.28 -6.73
CA LEU A 32 0.98 0.76 -8.08
C LEU A 32 -0.51 0.61 -8.39
N CYS A 33 -1.18 -0.29 -7.67
CA CYS A 33 -2.61 -0.52 -7.88
C CYS A 33 -3.28 -0.88 -6.55
N PHE A 34 -4.60 -0.79 -6.52
CA PHE A 34 -5.36 -1.10 -5.31
C PHE A 34 -6.61 -1.91 -5.63
N ASN A 35 -7.04 -2.73 -4.68
CA ASN A 35 -8.23 -3.55 -4.86
C ASN A 35 -9.06 -3.60 -3.57
N CYS A 36 -10.25 -3.00 -3.63
CA CYS A 36 -11.13 -2.97 -2.47
C CYS A 36 -11.81 -4.32 -2.26
N PRO A 37 -11.48 -5.03 -1.16
CA PRO A 37 -12.08 -6.33 -0.86
C PRO A 37 -13.50 -6.21 -0.31
N ILE A 38 -13.96 -4.97 -0.16
CA ILE A 38 -15.30 -4.71 0.36
C ILE A 38 -16.28 -4.43 -0.78
N CYS A 39 -15.77 -3.87 -1.87
CA CYS A 39 -16.61 -3.54 -3.02
C CYS A 39 -16.10 -4.20 -4.30
N ASP A 40 -14.91 -4.81 -4.24
CA ASP A 40 -14.32 -5.47 -5.39
C ASP A 40 -14.03 -4.47 -6.50
N LYS A 41 -13.53 -3.30 -6.12
CA LYS A 41 -13.21 -2.25 -7.08
C LYS A 41 -11.70 -1.98 -7.08
N ILE A 42 -11.16 -1.72 -8.26
CA ILE A 42 -9.74 -1.44 -8.40
C ILE A 42 -9.48 0.07 -8.49
N PHE A 43 -8.34 0.49 -7.95
CA PHE A 43 -7.98 1.91 -7.97
C PHE A 43 -6.50 2.09 -8.30
N PRO A 44 -6.18 2.72 -9.44
CA PRO A 44 -4.79 2.94 -9.86
C PRO A 44 -3.99 3.68 -8.79
N ALA A 45 -2.66 3.54 -8.84
CA ALA A 45 -1.78 4.19 -7.88
C ALA A 45 -2.04 5.69 -7.81
N THR A 46 -2.40 6.28 -8.96
CA THR A 46 -2.69 7.70 -9.02
C THR A 46 -4.03 8.02 -8.36
N GLU A 47 -4.89 7.01 -8.28
CA GLU A 47 -6.20 7.17 -7.68
C GLU A 47 -6.16 6.79 -6.20
N LYS A 48 -4.95 6.73 -5.63
CA LYS A 48 -4.78 6.38 -4.22
C LYS A 48 -5.60 7.32 -3.35
N GLN A 49 -5.73 8.57 -3.79
CA GLN A 49 -6.49 9.56 -3.06
C GLN A 49 -7.96 9.16 -3.01
N ILE A 50 -8.51 8.82 -4.18
CA ILE A 50 -9.89 8.39 -4.28
C ILE A 50 -10.06 7.03 -3.61
N PHE A 51 -9.02 6.21 -3.71
CA PHE A 51 -9.04 4.89 -3.10
C PHE A 51 -9.11 5.01 -1.59
N GLU A 52 -8.28 5.88 -1.03
CA GLU A 52 -8.26 6.11 0.41
C GLU A 52 -9.63 6.56 0.88
N ASP A 53 -10.23 7.48 0.13
CA ASP A 53 -11.56 7.98 0.45
C ASP A 53 -12.59 6.87 0.27
N HIS A 54 -12.38 6.04 -0.74
CA HIS A 54 -13.28 4.94 -1.03
C HIS A 54 -13.27 3.91 0.10
N VAL A 55 -12.09 3.52 0.55
CA VAL A 55 -11.97 2.56 1.64
C VAL A 55 -12.47 3.16 2.95
N PHE A 56 -12.29 4.47 3.10
CA PHE A 56 -12.74 5.18 4.29
C PHE A 56 -14.26 5.11 4.42
N CYS A 57 -14.95 5.33 3.31
CA CYS A 57 -16.41 5.29 3.30
C CYS A 57 -16.92 3.97 3.87
N HIS A 58 -16.14 2.91 3.69
CA HIS A 58 -16.50 1.59 4.19
C HIS A 58 -16.21 1.47 5.68
N SER A 59 -15.34 2.33 6.19
CA SER A 59 -14.98 2.31 7.60
C SER A 59 -15.76 3.38 8.38
N LEU A 60 -16.35 4.33 7.67
CA LEU A 60 -17.12 5.40 8.31
C LEU A 60 -18.60 5.04 8.37
N SER A 4 6.80 11.90 25.30
CA SER A 4 6.53 13.35 25.44
C SER A 4 5.36 13.78 24.56
N PRO A 5 4.12 13.54 25.01
CA PRO A 5 2.91 13.89 24.26
C PRO A 5 2.62 15.39 24.31
N LEU A 6 3.42 16.13 25.07
CA LEU A 6 3.23 17.58 25.20
C LEU A 6 3.23 18.25 23.83
N SER A 7 3.97 17.68 22.89
CA SER A 7 4.06 18.24 21.54
C SER A 7 4.84 17.30 20.61
N ILE A 8 4.25 16.99 19.46
CA ILE A 8 4.89 16.11 18.49
C ILE A 8 4.51 16.50 17.07
N LYS A 9 5.33 17.36 16.46
CA LYS A 9 5.07 17.81 15.09
C LYS A 9 5.36 16.70 14.09
N LYS A 10 6.36 15.87 14.40
CA LYS A 10 6.73 14.77 13.52
C LYS A 10 5.93 13.51 13.85
N CYS A 11 5.35 12.90 12.82
CA CYS A 11 4.55 11.70 13.00
C CYS A 11 5.36 10.46 12.64
N PRO A 12 5.28 9.40 13.48
CA PRO A 12 6.02 8.16 13.25
C PRO A 12 5.59 7.48 11.96
N ILE A 13 6.57 7.06 11.17
CA ILE A 13 6.31 6.40 9.90
C ILE A 13 5.83 4.96 10.13
N CYS A 14 6.35 4.33 11.17
CA CYS A 14 5.99 2.96 11.50
C CYS A 14 6.37 2.61 12.94
N LYS A 15 5.41 2.72 13.84
CA LYS A 15 5.64 2.42 15.25
C LYS A 15 5.84 0.92 15.46
N ALA A 16 5.16 0.12 14.64
CA ALA A 16 5.25 -1.33 14.74
C ALA A 16 6.63 -1.83 14.32
N ASP A 17 7.31 -1.04 13.49
CA ASP A 17 8.65 -1.40 13.01
C ASP A 17 9.73 -0.87 13.95
N ASP A 18 9.33 -0.38 15.12
CA ASP A 18 10.27 0.15 16.09
C ASP A 18 11.10 1.30 15.49
N ILE A 19 11.99 1.86 16.29
CA ILE A 19 12.84 2.95 15.83
C ILE A 19 14.31 2.60 15.97
N CYS A 20 15.00 2.44 14.83
CA CYS A 20 16.41 2.11 14.83
C CYS A 20 16.99 2.19 13.42
N ASP A 21 16.54 1.28 12.55
CA ASP A 21 17.01 1.26 11.17
C ASP A 21 15.84 1.22 10.20
N HIS A 22 15.70 2.29 9.42
CA HIS A 22 14.61 2.38 8.45
C HIS A 22 14.81 1.38 7.32
N THR A 23 16.07 1.15 6.95
CA THR A 23 16.40 0.20 5.89
C THR A 23 15.82 0.67 4.55
N LEU A 24 16.57 0.45 3.48
CA LEU A 24 16.13 0.84 2.15
C LEU A 24 14.90 0.05 1.72
N GLU A 25 14.77 -1.16 2.24
CA GLU A 25 13.65 -2.02 1.91
C GLU A 25 12.33 -1.34 2.25
N GLN A 26 12.27 -0.70 3.40
CA GLN A 26 11.06 0.00 3.84
C GLN A 26 10.77 1.19 2.94
N GLN A 27 11.83 1.80 2.41
CA GLN A 27 11.68 2.96 1.53
C GLN A 27 11.05 2.55 0.20
N GLN A 28 11.55 1.47 -0.38
CA GLN A 28 11.03 0.97 -1.66
C GLN A 28 9.75 0.18 -1.45
N MET A 29 8.61 0.87 -1.52
CA MET A 29 7.32 0.22 -1.35
C MET A 29 6.19 1.11 -1.85
N GLN A 30 6.27 1.50 -3.12
CA GLN A 30 5.26 2.36 -3.72
C GLN A 30 4.24 1.54 -4.49
N PRO A 31 2.99 1.45 -4.00
CA PRO A 31 1.93 0.69 -4.66
C PRO A 31 1.63 1.20 -6.06
N LEU A 32 1.25 0.29 -6.96
CA LEU A 32 0.94 0.65 -8.33
C LEU A 32 -0.56 0.57 -8.59
N CYS A 33 -1.24 -0.27 -7.81
CA CYS A 33 -2.69 -0.44 -7.95
C CYS A 33 -3.32 -0.84 -6.61
N PHE A 34 -4.64 -0.78 -6.54
CA PHE A 34 -5.35 -1.12 -5.32
C PHE A 34 -6.61 -1.93 -5.63
N ASN A 35 -7.04 -2.74 -4.65
CA ASN A 35 -8.23 -3.56 -4.83
C ASN A 35 -9.06 -3.59 -3.54
N CYS A 36 -10.25 -3.00 -3.60
CA CYS A 36 -11.13 -2.96 -2.44
C CYS A 36 -11.82 -4.31 -2.22
N PRO A 37 -11.49 -5.01 -1.13
CA PRO A 37 -12.10 -6.31 -0.81
C PRO A 37 -13.52 -6.18 -0.26
N ILE A 38 -13.98 -4.94 -0.12
CA ILE A 38 -15.31 -4.68 0.39
C ILE A 38 -16.30 -4.43 -0.74
N CYS A 39 -15.80 -3.86 -1.83
CA CYS A 39 -16.64 -3.55 -2.99
C CYS A 39 -16.13 -4.24 -4.26
N ASP A 40 -14.93 -4.81 -4.19
CA ASP A 40 -14.34 -5.49 -5.34
C ASP A 40 -14.01 -4.49 -6.44
N LYS A 41 -13.57 -3.30 -6.05
CA LYS A 41 -13.21 -2.27 -7.01
C LYS A 41 -11.70 -2.05 -7.04
N ILE A 42 -11.19 -1.70 -8.23
CA ILE A 42 -9.76 -1.48 -8.40
C ILE A 42 -9.46 0.02 -8.51
N PHE A 43 -8.33 0.43 -7.94
CA PHE A 43 -7.92 1.83 -7.98
C PHE A 43 -6.43 1.96 -8.29
N PRO A 44 -6.07 2.71 -9.35
CA PRO A 44 -4.68 2.90 -9.73
C PRO A 44 -3.90 3.69 -8.68
N ALA A 45 -2.57 3.54 -8.69
CA ALA A 45 -1.73 4.23 -7.72
C ALA A 45 -1.99 5.73 -7.72
N THR A 46 -2.37 6.26 -8.88
CA THR A 46 -2.67 7.69 -8.99
C THR A 46 -3.99 8.01 -8.33
N GLU A 47 -4.88 7.02 -8.25
CA GLU A 47 -6.18 7.19 -7.63
C GLU A 47 -6.13 6.80 -6.15
N LYS A 48 -4.92 6.71 -5.60
CA LYS A 48 -4.75 6.36 -4.19
C LYS A 48 -5.56 7.30 -3.31
N GLN A 49 -5.67 8.55 -3.74
CA GLN A 49 -6.43 9.54 -3.01
C GLN A 49 -7.91 9.15 -2.96
N ILE A 50 -8.45 8.83 -4.14
CA ILE A 50 -9.84 8.41 -4.24
C ILE A 50 -10.02 7.05 -3.60
N PHE A 51 -9.00 6.22 -3.71
CA PHE A 51 -9.03 4.89 -3.12
C PHE A 51 -9.11 5.00 -1.59
N GLU A 52 -8.27 5.86 -1.04
CA GLU A 52 -8.25 6.07 0.41
C GLU A 52 -9.62 6.54 0.88
N ASP A 53 -10.21 7.47 0.13
CA ASP A 53 -11.53 7.97 0.45
C ASP A 53 -12.57 6.88 0.28
N HIS A 54 -12.37 6.04 -0.74
CA HIS A 54 -13.28 4.95 -1.03
C HIS A 54 -13.28 3.93 0.11
N VAL A 55 -12.10 3.54 0.56
CA VAL A 55 -11.99 2.58 1.65
C VAL A 55 -12.50 3.18 2.95
N PHE A 56 -12.31 4.48 3.10
CA PHE A 56 -12.77 5.19 4.29
C PHE A 56 -14.28 5.13 4.41
N CYS A 57 -14.97 5.34 3.29
CA CYS A 57 -16.43 5.31 3.27
C CYS A 57 -16.95 3.99 3.84
N HIS A 58 -16.17 2.94 3.67
CA HIS A 58 -16.54 1.62 4.17
C HIS A 58 -16.27 1.50 5.66
N SER A 59 -15.39 2.37 6.18
CA SER A 59 -15.06 2.35 7.60
C SER A 59 -15.88 3.37 8.38
N LEU A 60 -16.53 4.29 7.67
CA LEU A 60 -17.35 5.31 8.31
C LEU A 60 -18.83 4.94 8.23
N SER A 4 13.39 6.42 -7.43
CA SER A 4 12.14 6.14 -6.67
C SER A 4 11.15 7.30 -6.80
N PRO A 5 10.37 7.33 -7.90
CA PRO A 5 9.38 8.39 -8.14
C PRO A 5 8.44 8.57 -6.95
N LEU A 6 8.82 9.46 -6.04
CA LEU A 6 8.00 9.74 -4.86
C LEU A 6 7.62 11.21 -4.80
N SER A 7 6.68 11.54 -3.92
CA SER A 7 6.22 12.91 -3.76
C SER A 7 7.36 13.83 -3.36
N ILE A 8 7.03 15.09 -3.08
CA ILE A 8 8.03 16.06 -2.67
C ILE A 8 8.06 16.24 -1.16
N LYS A 9 7.76 15.16 -0.45
CA LYS A 9 7.74 15.20 1.01
C LYS A 9 8.04 13.82 1.59
N LYS A 10 9.19 13.68 2.24
CA LYS A 10 9.58 12.42 2.84
C LYS A 10 9.38 12.45 4.36
N CYS A 11 8.78 11.40 4.89
CA CYS A 11 8.52 11.31 6.32
C CYS A 11 9.52 10.38 7.01
N PRO A 12 10.11 10.82 8.13
CA PRO A 12 11.08 10.03 8.87
C PRO A 12 10.45 8.81 9.53
N ILE A 13 11.07 7.66 9.37
CA ILE A 13 10.58 6.42 9.95
C ILE A 13 10.98 6.30 11.41
N CYS A 14 10.61 7.29 12.21
CA CYS A 14 10.94 7.28 13.63
C CYS A 14 9.88 6.52 14.43
N LYS A 15 10.31 5.44 15.08
CA LYS A 15 9.41 4.62 15.88
C LYS A 15 8.82 5.42 17.04
N ALA A 16 9.59 6.38 17.54
CA ALA A 16 9.16 7.22 18.64
C ALA A 16 8.00 8.13 18.22
N ASP A 17 7.96 8.46 16.93
CA ASP A 17 6.91 9.32 16.40
C ASP A 17 5.65 8.51 16.04
N ASP A 18 5.67 7.22 16.34
CA ASP A 18 4.53 6.36 16.04
C ASP A 18 3.95 5.78 17.32
N ILE A 19 2.93 4.92 17.17
CA ILE A 19 2.29 4.30 18.32
C ILE A 19 3.14 3.17 18.88
N CYS A 20 3.36 2.14 18.08
CA CYS A 20 4.17 0.98 18.48
C CYS A 20 4.33 0.01 17.33
N ASP A 21 3.26 -0.21 16.58
CA ASP A 21 3.30 -1.13 15.45
C ASP A 21 3.62 -0.40 14.16
N HIS A 22 4.89 -0.45 13.76
CA HIS A 22 5.33 0.21 12.54
C HIS A 22 5.01 -0.63 11.31
N THR A 23 5.11 -1.95 11.45
CA THR A 23 4.83 -2.87 10.36
C THR A 23 5.80 -2.66 9.21
N LEU A 24 6.52 -3.72 8.84
CA LEU A 24 7.49 -3.64 7.75
C LEU A 24 6.80 -3.29 6.44
N GLU A 25 5.55 -3.72 6.31
CA GLU A 25 4.78 -3.45 5.09
C GLU A 25 4.65 -1.95 4.85
N GLN A 26 4.49 -1.19 5.94
CA GLN A 26 4.35 0.25 5.84
C GLN A 26 5.66 0.90 5.41
N GLN A 27 6.77 0.29 5.80
CA GLN A 27 8.09 0.81 5.45
C GLN A 27 8.38 0.60 3.97
N GLN A 28 7.89 -0.51 3.44
CA GLN A 28 8.10 -0.84 2.03
C GLN A 28 7.38 0.17 1.12
N MET A 29 7.57 0.02 -0.18
CA MET A 29 6.95 0.91 -1.15
C MET A 29 5.48 0.55 -1.35
N GLN A 30 4.62 1.56 -1.28
CA GLN A 30 3.19 1.34 -1.46
C GLN A 30 2.88 0.93 -2.90
N PRO A 31 1.98 -0.06 -3.09
CA PRO A 31 1.60 -0.53 -4.43
C PRO A 31 0.98 0.57 -5.28
N LEU A 32 1.29 0.56 -6.57
CA LEU A 32 0.76 1.55 -7.50
C LEU A 32 -0.68 1.26 -7.88
N CYS A 33 -1.20 0.13 -7.43
CA CYS A 33 -2.58 -0.23 -7.71
C CYS A 33 -3.27 -0.61 -6.41
N PHE A 34 -4.58 -0.53 -6.39
CA PHE A 34 -5.34 -0.84 -5.19
C PHE A 34 -6.58 -1.66 -5.48
N ASN A 35 -7.00 -2.43 -4.50
CA ASN A 35 -8.18 -3.28 -4.63
C ASN A 35 -9.00 -3.27 -3.35
N CYS A 36 -10.28 -2.93 -3.47
CA CYS A 36 -11.16 -2.88 -2.32
C CYS A 36 -11.83 -4.24 -2.08
N PRO A 37 -11.49 -4.93 -0.97
CA PRO A 37 -12.06 -6.23 -0.65
C PRO A 37 -13.51 -6.12 -0.17
N ILE A 38 -14.01 -4.90 -0.04
CA ILE A 38 -15.37 -4.67 0.40
C ILE A 38 -16.31 -4.40 -0.78
N CYS A 39 -15.75 -3.87 -1.87
CA CYS A 39 -16.55 -3.56 -3.05
C CYS A 39 -15.98 -4.21 -4.32
N ASP A 40 -14.79 -4.81 -4.20
CA ASP A 40 -14.15 -5.45 -5.33
C ASP A 40 -13.87 -4.44 -6.45
N LYS A 41 -13.37 -3.27 -6.06
CA LYS A 41 -13.05 -2.22 -7.03
C LYS A 41 -11.55 -1.94 -7.06
N ILE A 42 -11.00 -1.77 -8.26
CA ILE A 42 -9.58 -1.49 -8.41
C ILE A 42 -9.35 0.00 -8.59
N PHE A 43 -8.25 0.50 -8.04
CA PHE A 43 -7.93 1.93 -8.14
C PHE A 43 -6.47 2.15 -8.57
N PRO A 44 -6.26 2.80 -9.73
CA PRO A 44 -4.91 3.10 -10.24
C PRO A 44 -4.12 3.94 -9.25
N ALA A 45 -2.79 3.91 -9.37
CA ALA A 45 -1.93 4.67 -8.45
C ALA A 45 -2.34 6.14 -8.39
N THR A 46 -2.82 6.66 -9.50
CA THR A 46 -3.27 8.05 -9.55
C THR A 46 -4.55 8.22 -8.73
N GLU A 47 -5.19 7.10 -8.42
CA GLU A 47 -6.41 7.11 -7.63
C GLU A 47 -6.15 6.64 -6.20
N LYS A 48 -4.88 6.66 -5.79
CA LYS A 48 -4.52 6.25 -4.44
C LYS A 48 -5.32 7.05 -3.42
N GLN A 49 -5.41 8.35 -3.67
CA GLN A 49 -6.17 9.24 -2.81
C GLN A 49 -7.65 8.88 -2.83
N ILE A 50 -8.16 8.61 -4.03
CA ILE A 50 -9.55 8.22 -4.20
C ILE A 50 -9.81 6.88 -3.54
N PHE A 51 -8.83 5.98 -3.65
CA PHE A 51 -8.93 4.66 -3.08
C PHE A 51 -9.04 4.75 -1.57
N GLU A 52 -8.17 5.56 -0.95
CA GLU A 52 -8.17 5.74 0.49
C GLU A 52 -9.53 6.26 0.95
N ASP A 53 -10.06 7.24 0.22
CA ASP A 53 -11.36 7.81 0.54
C ASP A 53 -12.45 6.75 0.35
N HIS A 54 -12.27 5.92 -0.67
CA HIS A 54 -13.23 4.86 -0.97
C HIS A 54 -13.27 3.82 0.15
N VAL A 55 -12.09 3.38 0.59
CA VAL A 55 -12.00 2.40 1.65
C VAL A 55 -12.50 2.99 2.96
N PHE A 56 -12.29 4.29 3.13
CA PHE A 56 -12.73 4.99 4.33
C PHE A 56 -14.24 5.00 4.42
N CYS A 57 -14.91 5.23 3.28
CA CYS A 57 -16.37 5.26 3.25
C CYS A 57 -16.94 3.97 3.82
N HIS A 58 -16.20 2.89 3.66
CA HIS A 58 -16.61 1.58 4.16
C HIS A 58 -16.39 1.46 5.66
N SER A 59 -15.49 2.28 6.19
CA SER A 59 -15.18 2.26 7.61
C SER A 59 -15.94 3.36 8.36
N LEU A 60 -16.48 4.31 7.61
CA LEU A 60 -17.24 5.41 8.20
C LEU A 60 -18.31 5.92 7.23
N SER A 4 0.65 0.45 11.60
CA SER A 4 1.62 -0.24 10.71
C SER A 4 1.76 -1.71 11.09
N PRO A 5 2.06 -2.58 10.10
CA PRO A 5 2.21 -4.01 10.33
C PRO A 5 3.20 -4.32 11.46
N LEU A 6 2.67 -4.57 12.65
CA LEU A 6 3.50 -4.86 13.81
C LEU A 6 3.94 -6.32 13.78
N SER A 7 5.14 -6.58 14.32
CA SER A 7 5.68 -7.93 14.36
C SER A 7 6.43 -8.18 15.67
N ILE A 8 6.53 -9.45 16.05
CA ILE A 8 7.20 -9.82 17.29
C ILE A 8 8.49 -10.57 17.00
N LYS A 9 8.50 -11.35 15.91
CA LYS A 9 9.66 -12.12 15.52
C LYS A 9 10.00 -11.90 14.05
N LYS A 10 11.30 -11.82 13.75
CA LYS A 10 11.75 -11.61 12.38
C LYS A 10 12.32 -12.89 11.79
N CYS A 11 11.82 -13.29 10.63
CA CYS A 11 12.27 -14.50 9.97
C CYS A 11 13.15 -14.16 8.76
N PRO A 12 14.39 -14.68 8.73
CA PRO A 12 15.32 -14.42 7.63
C PRO A 12 14.72 -14.79 6.28
N ILE A 13 14.86 -13.89 5.32
CA ILE A 13 14.34 -14.10 3.97
C ILE A 13 15.43 -13.98 2.92
N CYS A 14 16.16 -12.87 2.97
CA CYS A 14 17.24 -12.64 2.02
C CYS A 14 18.60 -12.68 2.71
N LYS A 15 18.64 -12.22 3.97
CA LYS A 15 19.87 -12.20 4.74
C LYS A 15 20.44 -13.61 4.88
N ALA A 16 19.55 -14.61 4.90
CA ALA A 16 19.97 -15.99 5.04
C ALA A 16 20.72 -16.48 3.79
N ASP A 17 20.43 -15.85 2.66
CA ASP A 17 21.08 -16.22 1.40
C ASP A 17 22.43 -15.52 1.25
N ASP A 18 22.59 -14.40 1.94
CA ASP A 18 23.84 -13.64 1.88
C ASP A 18 23.79 -12.44 2.82
N ILE A 19 24.90 -11.72 2.91
CA ILE A 19 24.99 -10.54 3.77
C ILE A 19 24.41 -9.31 3.08
N CYS A 20 23.09 -9.24 3.02
CA CYS A 20 22.41 -8.12 2.38
C CYS A 20 21.31 -7.57 3.28
N ASP A 21 20.87 -6.35 2.99
CA ASP A 21 19.82 -5.70 3.78
C ASP A 21 18.51 -5.65 2.99
N HIS A 22 17.49 -6.32 3.51
CA HIS A 22 16.19 -6.35 2.86
C HIS A 22 15.61 -4.93 2.73
N THR A 23 15.95 -4.08 3.69
CA THR A 23 15.46 -2.70 3.68
C THR A 23 13.94 -2.65 3.82
N LEU A 24 13.47 -1.86 4.78
CA LEU A 24 12.04 -1.73 5.01
C LEU A 24 11.33 -1.18 3.77
N GLU A 25 12.01 -0.31 3.04
CA GLU A 25 11.45 0.27 1.83
C GLU A 25 11.10 -0.81 0.81
N GLN A 26 11.95 -1.82 0.72
CA GLN A 26 11.73 -2.93 -0.21
C GLN A 26 10.58 -3.81 0.25
N GLN A 27 10.41 -3.91 1.56
CA GLN A 27 9.34 -4.73 2.13
C GLN A 27 7.98 -4.11 1.86
N GLN A 28 7.93 -2.78 1.82
CA GLN A 28 6.69 -2.06 1.56
C GLN A 28 6.91 -0.89 0.61
N MET A 29 7.23 -1.21 -0.65
CA MET A 29 7.47 -0.20 -1.66
C MET A 29 6.17 0.51 -2.05
N GLN A 30 6.29 1.56 -2.83
CA GLN A 30 5.12 2.33 -3.27
C GLN A 30 4.15 1.44 -4.03
N PRO A 31 2.84 1.57 -3.77
CA PRO A 31 1.81 0.77 -4.44
C PRO A 31 1.56 1.23 -5.87
N LEU A 32 1.28 0.28 -6.76
CA LEU A 32 1.02 0.58 -8.16
C LEU A 32 -0.47 0.44 -8.48
N CYS A 33 -1.17 -0.32 -7.65
CA CYS A 33 -2.60 -0.53 -7.84
C CYS A 33 -3.27 -0.89 -6.52
N PHE A 34 -4.60 -0.80 -6.48
CA PHE A 34 -5.36 -1.11 -5.28
C PHE A 34 -6.61 -1.92 -5.60
N ASN A 35 -7.05 -2.73 -4.63
CA ASN A 35 -8.23 -3.55 -4.81
C ASN A 35 -9.06 -3.58 -3.53
N CYS A 36 -10.26 -2.99 -3.60
CA CYS A 36 -11.15 -2.95 -2.44
C CYS A 36 -11.83 -4.30 -2.23
N PRO A 37 -11.51 -4.99 -1.11
CA PRO A 37 -12.12 -6.30 -0.81
C PRO A 37 -13.54 -6.16 -0.27
N ILE A 38 -14.00 -4.93 -0.13
CA ILE A 38 -15.35 -4.66 0.37
C ILE A 38 -16.31 -4.38 -0.78
N CYS A 39 -15.80 -3.83 -1.87
CA CYS A 39 -16.61 -3.49 -3.03
C CYS A 39 -16.10 -4.17 -4.30
N ASP A 40 -14.92 -4.79 -4.22
CA ASP A 40 -14.33 -5.45 -5.37
C ASP A 40 -14.03 -4.45 -6.48
N LYS A 41 -13.54 -3.28 -6.10
CA LYS A 41 -13.21 -2.24 -7.06
C LYS A 41 -11.71 -1.95 -7.06
N ILE A 42 -11.15 -1.73 -8.25
CA ILE A 42 -9.72 -1.45 -8.38
C ILE A 42 -9.47 0.05 -8.47
N PHE A 43 -8.33 0.49 -7.94
CA PHE A 43 -7.97 1.90 -7.97
C PHE A 43 -6.49 2.08 -8.32
N PRO A 44 -6.19 2.72 -9.46
CA PRO A 44 -4.81 2.95 -9.90
C PRO A 44 -3.99 3.67 -8.83
N ALA A 45 -2.67 3.53 -8.90
CA ALA A 45 -1.77 4.16 -7.93
C ALA A 45 -2.03 5.66 -7.84
N THR A 46 -2.41 6.25 -8.98
CA THR A 46 -2.70 7.69 -9.02
C THR A 46 -4.03 7.98 -8.35
N GLU A 47 -4.89 6.96 -8.27
CA GLU A 47 -6.19 7.11 -7.64
C GLU A 47 -6.13 6.74 -6.16
N LYS A 48 -4.92 6.70 -5.61
CA LYS A 48 -4.73 6.38 -4.20
C LYS A 48 -5.56 7.30 -3.32
N GLN A 49 -5.68 8.56 -3.76
CA GLN A 49 -6.45 9.55 -3.03
C GLN A 49 -7.91 9.14 -3.00
N ILE A 50 -8.45 8.82 -4.17
CA ILE A 50 -9.83 8.40 -4.30
C ILE A 50 -10.02 7.04 -3.63
N PHE A 51 -8.98 6.21 -3.71
CA PHE A 51 -9.02 4.89 -3.09
C PHE A 51 -9.10 5.02 -1.58
N GLU A 52 -8.27 5.89 -1.02
CA GLU A 52 -8.27 6.12 0.42
C GLU A 52 -9.64 6.57 0.88
N ASP A 53 -10.23 7.49 0.13
CA ASP A 53 -11.55 8.00 0.45
C ASP A 53 -12.58 6.89 0.27
N HIS A 54 -12.38 6.07 -0.74
CA HIS A 54 -13.29 4.96 -1.04
C HIS A 54 -13.28 3.94 0.10
N VAL A 55 -12.10 3.55 0.55
CA VAL A 55 -11.98 2.58 1.63
C VAL A 55 -12.48 3.18 2.94
N PHE A 56 -12.29 4.49 3.09
CA PHE A 56 -12.73 5.20 4.29
C PHE A 56 -14.25 5.13 4.42
N CYS A 57 -14.95 5.35 3.30
CA CYS A 57 -16.41 5.31 3.30
C CYS A 57 -16.92 3.99 3.87
N HIS A 58 -16.15 2.93 3.68
CA HIS A 58 -16.51 1.62 4.17
C HIS A 58 -16.21 1.48 5.66
N SER A 59 -15.32 2.33 6.16
CA SER A 59 -14.94 2.30 7.57
C SER A 59 -15.79 3.28 8.39
N LEU A 60 -16.47 4.18 7.70
CA LEU A 60 -17.31 5.17 8.37
C LEU A 60 -18.78 4.80 8.27
N SER A 4 38.59 26.86 -13.01
CA SER A 4 38.20 25.60 -13.70
C SER A 4 36.71 25.31 -13.51
N PRO A 5 36.07 24.68 -14.50
CA PRO A 5 34.64 24.33 -14.43
C PRO A 5 34.36 23.20 -13.46
N LEU A 6 33.49 23.47 -12.49
CA LEU A 6 33.14 22.46 -11.49
C LEU A 6 31.89 21.68 -11.92
N SER A 7 31.78 20.45 -11.43
CA SER A 7 30.64 19.60 -11.76
C SER A 7 29.68 19.49 -10.58
N ILE A 8 28.49 18.96 -10.84
CA ILE A 8 27.49 18.79 -9.80
C ILE A 8 27.80 17.58 -8.92
N LYS A 9 27.24 17.57 -7.71
CA LYS A 9 27.47 16.47 -6.78
C LYS A 9 26.34 15.46 -6.85
N LYS A 10 25.89 15.17 -8.08
CA LYS A 10 24.81 14.20 -8.29
C LYS A 10 25.33 12.95 -9.00
N CYS A 11 25.08 11.80 -8.40
CA CYS A 11 25.53 10.53 -8.99
C CYS A 11 24.47 9.97 -9.93
N PRO A 12 24.90 9.43 -11.09
CA PRO A 12 23.97 8.86 -12.07
C PRO A 12 23.31 7.59 -11.56
N ILE A 13 22.00 7.50 -11.73
CA ILE A 13 21.24 6.35 -11.29
C ILE A 13 20.77 5.50 -12.48
N CYS A 14 20.52 6.18 -13.61
CA CYS A 14 20.07 5.49 -14.81
C CYS A 14 20.23 6.40 -16.04
N LYS A 15 21.33 7.14 -16.09
CA LYS A 15 21.60 8.03 -17.20
C LYS A 15 22.05 7.25 -18.43
N ALA A 16 22.70 6.12 -18.20
CA ALA A 16 23.20 5.29 -19.29
C ALA A 16 22.06 4.51 -19.95
N ASP A 17 21.03 4.19 -19.18
CA ASP A 17 19.88 3.46 -19.69
C ASP A 17 18.71 4.39 -19.97
N ASP A 18 18.69 5.54 -19.29
CA ASP A 18 17.63 6.51 -19.47
C ASP A 18 18.20 7.93 -19.61
N ILE A 19 17.32 8.88 -19.92
CA ILE A 19 17.73 10.26 -20.09
C ILE A 19 16.52 11.17 -20.32
N CYS A 20 15.57 10.70 -21.11
CA CYS A 20 14.37 11.47 -21.42
C CYS A 20 13.31 11.25 -20.34
N ASP A 21 12.85 10.02 -20.20
CA ASP A 21 11.84 9.69 -19.21
C ASP A 21 12.36 8.65 -18.23
N HIS A 22 12.84 9.12 -17.07
CA HIS A 22 13.37 8.23 -16.04
C HIS A 22 12.26 7.72 -15.13
N THR A 23 11.23 8.55 -14.94
CA THR A 23 10.10 8.18 -14.09
C THR A 23 10.56 7.95 -12.65
N LEU A 24 10.43 8.98 -11.83
CA LEU A 24 10.83 8.89 -10.42
C LEU A 24 10.00 7.85 -9.68
N GLU A 25 8.73 7.73 -10.08
CA GLU A 25 7.82 6.78 -9.46
C GLU A 25 8.36 5.35 -9.57
N GLN A 26 9.05 5.08 -10.67
CA GLN A 26 9.62 3.76 -10.90
C GLN A 26 10.72 3.44 -9.88
N GLN A 27 11.46 4.48 -9.50
CA GLN A 27 12.55 4.32 -8.54
C GLN A 27 12.00 4.29 -7.11
N GLN A 28 11.05 5.16 -6.82
CA GLN A 28 10.44 5.23 -5.50
C GLN A 28 9.79 3.91 -5.13
N MET A 29 9.38 3.79 -3.87
CA MET A 29 8.73 2.57 -3.39
C MET A 29 7.32 2.85 -2.91
N GLN A 30 6.33 2.57 -3.76
CA GLN A 30 4.93 2.80 -3.42
C GLN A 30 4.02 1.87 -4.21
N PRO A 31 2.77 1.71 -3.77
CA PRO A 31 1.78 0.85 -4.44
C PRO A 31 1.52 1.28 -5.89
N LEU A 32 1.29 0.30 -6.75
CA LEU A 32 1.01 0.57 -8.16
C LEU A 32 -0.48 0.40 -8.48
N CYS A 33 -1.18 -0.34 -7.63
CA CYS A 33 -2.60 -0.58 -7.81
C CYS A 33 -3.27 -0.92 -6.49
N PHE A 34 -4.60 -0.83 -6.46
CA PHE A 34 -5.35 -1.12 -5.25
C PHE A 34 -6.61 -1.94 -5.56
N ASN A 35 -7.04 -2.73 -4.58
CA ASN A 35 -8.23 -3.57 -4.74
C ASN A 35 -9.08 -3.56 -3.47
N CYS A 36 -10.30 -3.04 -3.58
CA CYS A 36 -11.20 -2.99 -2.43
C CYS A 36 -11.91 -4.32 -2.23
N PRO A 37 -11.61 -5.02 -1.12
CA PRO A 37 -12.24 -6.32 -0.83
C PRO A 37 -13.66 -6.17 -0.29
N ILE A 38 -14.11 -4.92 -0.15
CA ILE A 38 -15.44 -4.65 0.36
C ILE A 38 -16.42 -4.37 -0.79
N CYS A 39 -15.89 -3.82 -1.88
CA CYS A 39 -16.71 -3.50 -3.05
C CYS A 39 -16.20 -4.18 -4.31
N ASP A 40 -15.00 -4.77 -4.23
CA ASP A 40 -14.41 -5.46 -5.38
C ASP A 40 -14.08 -4.46 -6.49
N LYS A 41 -13.57 -3.30 -6.10
CA LYS A 41 -13.20 -2.26 -7.06
C LYS A 41 -11.70 -2.01 -7.04
N ILE A 42 -11.14 -1.78 -8.22
CA ILE A 42 -9.71 -1.54 -8.35
C ILE A 42 -9.41 -0.04 -8.49
N PHE A 43 -8.32 0.40 -7.90
CA PHE A 43 -7.93 1.81 -7.96
C PHE A 43 -6.44 1.96 -8.28
N PRO A 44 -6.09 2.72 -9.33
CA PRO A 44 -4.69 2.93 -9.72
C PRO A 44 -3.92 3.72 -8.67
N ALA A 45 -2.60 3.57 -8.68
CA ALA A 45 -1.75 4.27 -7.72
C ALA A 45 -2.02 5.77 -7.72
N THR A 46 -2.37 6.30 -8.89
CA THR A 46 -2.68 7.73 -9.01
C THR A 46 -4.01 8.05 -8.36
N GLU A 47 -4.88 7.04 -8.28
CA GLU A 47 -6.19 7.20 -7.66
C GLU A 47 -6.15 6.82 -6.18
N LYS A 48 -4.94 6.76 -5.62
CA LYS A 48 -4.77 6.42 -4.21
C LYS A 48 -5.59 7.36 -3.34
N GLN A 49 -5.73 8.60 -3.78
CA GLN A 49 -6.50 9.60 -3.05
C GLN A 49 -7.96 9.18 -3.02
N ILE A 50 -8.49 8.85 -4.21
CA ILE A 50 -9.88 8.42 -4.32
C ILE A 50 -10.05 7.06 -3.66
N PHE A 51 -9.00 6.24 -3.75
CA PHE A 51 -9.03 4.91 -3.15
C PHE A 51 -9.12 5.03 -1.64
N GLU A 52 -8.30 5.92 -1.07
CA GLU A 52 -8.30 6.14 0.37
C GLU A 52 -9.68 6.59 0.83
N ASP A 53 -10.28 7.50 0.07
CA ASP A 53 -11.61 7.99 0.39
C ASP A 53 -12.64 6.87 0.21
N HIS A 54 -12.42 6.04 -0.81
CA HIS A 54 -13.31 4.93 -1.10
C HIS A 54 -13.30 3.91 0.03
N VAL A 55 -12.10 3.53 0.47
CA VAL A 55 -11.98 2.56 1.55
C VAL A 55 -12.47 3.16 2.86
N PHE A 56 -12.27 4.47 3.02
CA PHE A 56 -12.70 5.17 4.23
C PHE A 56 -14.21 5.10 4.38
N CYS A 57 -14.93 5.32 3.28
CA CYS A 57 -16.38 5.29 3.31
C CYS A 57 -16.89 3.96 3.88
N HIS A 58 -16.12 2.90 3.65
CA HIS A 58 -16.47 1.58 4.14
C HIS A 58 -16.13 1.43 5.63
N SER A 59 -15.21 2.26 6.10
CA SER A 59 -14.80 2.22 7.51
C SER A 59 -15.58 3.25 8.34
N LEU A 60 -16.22 4.20 7.67
CA LEU A 60 -16.99 5.23 8.35
C LEU A 60 -18.47 4.85 8.43
N SER A 4 -8.47 -17.80 -3.42
CA SER A 4 -7.75 -18.71 -4.33
C SER A 4 -6.43 -18.09 -4.79
N PRO A 5 -5.34 -18.32 -4.04
CA PRO A 5 -4.02 -17.79 -4.37
C PRO A 5 -3.61 -18.09 -5.81
N LEU A 6 -3.58 -17.05 -6.64
CA LEU A 6 -3.21 -17.21 -8.05
C LEU A 6 -1.97 -16.39 -8.37
N SER A 7 -2.14 -15.08 -8.42
CA SER A 7 -1.03 -14.17 -8.72
C SER A 7 -0.49 -14.41 -10.13
N ILE A 8 -1.07 -13.72 -11.10
CA ILE A 8 -0.66 -13.86 -12.49
C ILE A 8 -1.23 -12.74 -13.35
N LYS A 9 -1.02 -11.50 -12.90
CA LYS A 9 -1.51 -10.33 -13.64
C LYS A 9 -0.36 -9.54 -14.23
N LYS A 10 -0.43 -9.29 -15.54
CA LYS A 10 0.60 -8.54 -16.23
C LYS A 10 0.30 -7.05 -16.22
N CYS A 11 1.05 -6.30 -15.41
CA CYS A 11 0.85 -4.86 -15.32
C CYS A 11 1.99 -4.10 -16.00
N PRO A 12 1.66 -3.08 -16.80
CA PRO A 12 2.66 -2.29 -17.51
C PRO A 12 3.48 -1.43 -16.56
N ILE A 13 4.79 -1.46 -16.74
CA ILE A 13 5.70 -0.68 -15.90
C ILE A 13 6.86 -0.12 -16.73
N CYS A 14 6.57 0.91 -17.51
CA CYS A 14 7.57 1.55 -18.35
C CYS A 14 8.11 0.57 -19.38
N LYS A 15 7.83 0.85 -20.66
CA LYS A 15 8.29 0.00 -21.74
C LYS A 15 9.77 0.23 -22.04
N ALA A 16 10.21 1.47 -21.87
CA ALA A 16 11.60 1.82 -22.12
C ALA A 16 12.49 1.42 -20.95
N ASP A 17 11.93 1.49 -19.74
CA ASP A 17 12.67 1.13 -18.54
C ASP A 17 12.35 -0.30 -18.09
N ASP A 18 11.67 -1.05 -18.96
CA ASP A 18 11.32 -2.43 -18.65
C ASP A 18 12.56 -3.28 -18.46
N ILE A 19 12.45 -4.31 -17.61
CA ILE A 19 13.57 -5.20 -17.34
C ILE A 19 13.12 -6.40 -16.50
N CYS A 20 13.72 -7.56 -16.76
CA CYS A 20 13.38 -8.78 -16.03
C CYS A 20 13.57 -8.59 -14.52
N ASP A 21 14.75 -8.09 -14.15
CA ASP A 21 15.07 -7.86 -12.75
C ASP A 21 14.69 -6.44 -12.33
N HIS A 22 13.55 -6.32 -11.64
CA HIS A 22 13.08 -5.02 -11.18
C HIS A 22 13.89 -4.53 -10.00
N THR A 23 14.38 -5.47 -9.19
CA THR A 23 15.18 -5.13 -8.01
C THR A 23 14.36 -4.33 -7.01
N LEU A 24 14.60 -4.57 -5.73
CA LEU A 24 13.89 -3.87 -4.66
C LEU A 24 14.22 -2.38 -4.67
N GLU A 25 15.41 -2.04 -5.15
CA GLU A 25 15.85 -0.65 -5.21
C GLU A 25 14.95 0.17 -6.13
N GLN A 26 14.57 -0.42 -7.26
CA GLN A 26 13.70 0.26 -8.23
C GLN A 26 12.30 0.43 -7.65
N GLN A 27 11.85 -0.54 -6.87
CA GLN A 27 10.53 -0.49 -6.27
C GLN A 27 10.52 0.42 -5.04
N GLN A 28 11.54 0.28 -4.20
CA GLN A 28 11.65 1.08 -2.99
C GLN A 28 10.49 0.81 -2.04
N MET A 29 9.35 1.45 -2.31
CA MET A 29 8.16 1.27 -1.48
C MET A 29 7.02 2.16 -1.98
N GLN A 30 6.32 1.68 -3.01
CA GLN A 30 5.21 2.42 -3.58
C GLN A 30 4.23 1.49 -4.29
N PRO A 31 2.92 1.65 -4.04
CA PRO A 31 1.89 0.81 -4.66
C PRO A 31 1.62 1.19 -6.11
N LEU A 32 1.31 0.20 -6.93
CA LEU A 32 1.02 0.43 -8.35
C LEU A 32 -0.47 0.30 -8.63
N CYS A 33 -1.18 -0.42 -7.78
CA CYS A 33 -2.62 -0.61 -7.94
C CYS A 33 -3.28 -0.95 -6.60
N PHE A 34 -4.61 -0.87 -6.56
CA PHE A 34 -5.34 -1.16 -5.34
C PHE A 34 -6.58 -1.99 -5.64
N ASN A 35 -7.02 -2.78 -4.67
CA ASN A 35 -8.20 -3.61 -4.82
C ASN A 35 -9.04 -3.62 -3.54
N CYS A 36 -10.22 -3.05 -3.60
CA CYS A 36 -11.11 -2.99 -2.45
C CYS A 36 -11.81 -4.34 -2.22
N PRO A 37 -11.48 -5.03 -1.11
CA PRO A 37 -12.09 -6.32 -0.79
C PRO A 37 -13.51 -6.18 -0.26
N ILE A 38 -13.97 -4.95 -0.13
CA ILE A 38 -15.31 -4.67 0.38
C ILE A 38 -16.27 -4.38 -0.77
N CYS A 39 -15.76 -3.84 -1.86
CA CYS A 39 -16.58 -3.50 -3.02
C CYS A 39 -16.07 -4.18 -4.29
N ASP A 40 -14.90 -4.81 -4.20
CA ASP A 40 -14.30 -5.47 -5.36
C ASP A 40 -14.00 -4.48 -6.48
N LYS A 41 -13.54 -3.29 -6.09
CA LYS A 41 -13.20 -2.26 -7.06
C LYS A 41 -11.70 -1.99 -7.08
N ILE A 42 -11.15 -1.78 -8.27
CA ILE A 42 -9.72 -1.52 -8.42
C ILE A 42 -9.45 -0.02 -8.53
N PHE A 43 -8.34 0.41 -7.94
CA PHE A 43 -7.97 1.83 -7.97
C PHE A 43 -6.48 1.99 -8.31
N PRO A 44 -6.17 2.71 -9.40
CA PRO A 44 -4.77 2.95 -9.81
C PRO A 44 -3.98 3.70 -8.76
N ALA A 45 -2.66 3.58 -8.80
CA ALA A 45 -1.79 4.25 -7.84
C ALA A 45 -2.08 5.75 -7.79
N THR A 46 -2.45 6.31 -8.93
CA THR A 46 -2.78 7.73 -9.01
C THR A 46 -4.11 8.01 -8.33
N GLU A 47 -4.93 6.98 -8.20
CA GLU A 47 -6.23 7.12 -7.56
C GLU A 47 -6.14 6.77 -6.07
N LYS A 48 -4.91 6.76 -5.54
CA LYS A 48 -4.70 6.44 -4.13
C LYS A 48 -5.54 7.36 -3.25
N GLN A 49 -5.65 8.62 -3.65
CA GLN A 49 -6.43 9.59 -2.91
C GLN A 49 -7.91 9.20 -2.90
N ILE A 50 -8.44 8.90 -4.08
CA ILE A 50 -9.83 8.47 -4.21
C ILE A 50 -10.02 7.10 -3.56
N PHE A 51 -8.99 6.27 -3.66
CA PHE A 51 -9.03 4.95 -3.07
C PHE A 51 -9.10 5.05 -1.55
N GLU A 52 -8.27 5.93 -0.98
CA GLU A 52 -8.25 6.13 0.46
C GLU A 52 -9.62 6.57 0.94
N ASP A 53 -10.23 7.50 0.19
CA ASP A 53 -11.56 7.99 0.53
C ASP A 53 -12.58 6.88 0.34
N HIS A 54 -12.37 6.06 -0.69
CA HIS A 54 -13.28 4.96 -0.99
C HIS A 54 -13.27 3.92 0.13
N VAL A 55 -12.07 3.55 0.57
CA VAL A 55 -11.94 2.57 1.65
C VAL A 55 -12.47 3.16 2.97
N PHE A 56 -12.30 4.46 3.13
CA PHE A 56 -12.75 5.16 4.33
C PHE A 56 -14.27 5.08 4.47
N CYS A 57 -14.97 5.30 3.36
CA CYS A 57 -16.43 5.26 3.35
C CYS A 57 -16.93 3.92 3.90
N HIS A 58 -16.14 2.88 3.70
CA HIS A 58 -16.50 1.55 4.18
C HIS A 58 -16.23 1.40 5.67
N SER A 59 -15.47 2.33 6.23
CA SER A 59 -15.14 2.31 7.65
C SER A 59 -16.00 3.30 8.44
N LEU A 60 -16.64 4.22 7.72
CA LEU A 60 -17.49 5.22 8.35
C LEU A 60 -18.59 5.69 7.39
N SER A 4 17.69 20.95 14.97
CA SER A 4 17.53 19.48 15.23
C SER A 4 16.06 19.07 15.12
N PRO A 5 15.16 19.76 15.84
CA PRO A 5 13.74 19.45 15.82
C PRO A 5 12.99 20.10 14.64
N LEU A 6 13.75 20.64 13.69
CA LEU A 6 13.16 21.28 12.53
C LEU A 6 12.26 20.32 11.76
N SER A 7 12.61 19.04 11.81
CA SER A 7 11.84 18.01 11.12
C SER A 7 11.58 16.82 12.04
N ILE A 8 10.31 16.57 12.33
CA ILE A 8 9.93 15.46 13.19
C ILE A 8 9.06 14.45 12.45
N LYS A 9 9.52 14.04 11.26
CA LYS A 9 8.78 13.08 10.45
C LYS A 9 9.68 11.90 10.03
N LYS A 10 10.89 11.85 10.58
CA LYS A 10 11.83 10.79 10.26
C LYS A 10 12.17 9.98 11.51
N CYS A 11 11.76 8.72 11.52
CA CYS A 11 12.03 7.83 12.65
C CYS A 11 13.12 6.82 12.30
N PRO A 12 14.12 6.64 13.19
CA PRO A 12 15.20 5.70 12.97
C PRO A 12 14.73 4.26 13.01
N ILE A 13 15.16 3.48 12.02
CA ILE A 13 14.79 2.07 11.94
C ILE A 13 15.62 1.23 12.90
N CYS A 14 16.93 1.16 12.64
CA CYS A 14 17.83 0.38 13.48
C CYS A 14 19.28 0.75 13.20
N LYS A 15 19.89 1.47 14.13
CA LYS A 15 21.28 1.88 13.99
C LYS A 15 22.21 0.67 13.87
N ALA A 16 21.77 -0.45 14.41
CA ALA A 16 22.56 -1.68 14.36
C ALA A 16 22.62 -2.24 12.94
N ASP A 17 21.64 -1.88 12.12
CA ASP A 17 21.59 -2.35 10.74
C ASP A 17 22.33 -1.41 9.79
N ASP A 18 23.08 -0.47 10.36
CA ASP A 18 23.84 0.49 9.55
C ASP A 18 25.02 -0.19 8.88
N ILE A 19 25.92 0.61 8.32
CA ILE A 19 27.10 0.09 7.64
C ILE A 19 26.72 -0.62 6.34
N CYS A 20 26.03 -1.74 6.47
CA CYS A 20 25.60 -2.51 5.30
C CYS A 20 24.68 -1.69 4.42
N ASP A 21 24.16 -2.32 3.36
CA ASP A 21 23.25 -1.64 2.44
C ASP A 21 21.84 -1.60 3.00
N HIS A 22 21.33 -0.40 3.22
CA HIS A 22 19.99 -0.22 3.75
C HIS A 22 18.95 -0.19 2.63
N THR A 23 19.39 0.19 1.44
CA THR A 23 18.50 0.26 0.27
C THR A 23 17.23 1.03 0.60
N LEU A 24 17.21 2.32 0.26
CA LEU A 24 16.05 3.17 0.51
C LEU A 24 14.82 2.63 -0.21
N GLU A 25 15.03 1.98 -1.33
CA GLU A 25 13.93 1.42 -2.12
C GLU A 25 13.13 0.42 -1.29
N GLN A 26 13.85 -0.50 -0.64
CA GLN A 26 13.21 -1.53 0.18
C GLN A 26 12.43 -0.88 1.33
N GLN A 27 12.92 0.24 1.82
CA GLN A 27 12.28 0.95 2.93
C GLN A 27 11.00 1.63 2.45
N GLN A 28 11.02 2.13 1.22
CA GLN A 28 9.85 2.80 0.66
C GLN A 28 8.82 1.79 0.17
N MET A 29 7.62 2.28 -0.12
CA MET A 29 6.54 1.42 -0.60
C MET A 29 5.63 2.18 -1.57
N GLN A 30 5.98 2.10 -2.86
CA GLN A 30 5.20 2.77 -3.89
C GLN A 30 4.21 1.81 -4.55
N PRO A 31 2.92 1.86 -4.16
CA PRO A 31 1.90 0.98 -4.73
C PRO A 31 1.60 1.30 -6.19
N LEU A 32 1.27 0.28 -6.96
CA LEU A 32 0.97 0.45 -8.38
C LEU A 32 -0.52 0.30 -8.64
N CYS A 33 -1.22 -0.41 -7.76
CA CYS A 33 -2.65 -0.63 -7.91
C CYS A 33 -3.29 -0.94 -6.56
N PHE A 34 -4.62 -0.86 -6.50
CA PHE A 34 -5.34 -1.13 -5.27
C PHE A 34 -6.60 -1.95 -5.55
N ASN A 35 -7.03 -2.73 -4.56
CA ASN A 35 -8.22 -3.56 -4.71
C ASN A 35 -9.05 -3.55 -3.42
N CYS A 36 -10.25 -3.01 -3.51
CA CYS A 36 -11.15 -2.95 -2.35
C CYS A 36 -11.84 -4.29 -2.14
N PRO A 37 -11.54 -4.99 -1.03
CA PRO A 37 -12.15 -6.29 -0.72
C PRO A 37 -13.59 -6.15 -0.23
N ILE A 38 -14.04 -4.91 -0.10
CA ILE A 38 -15.39 -4.64 0.36
C ILE A 38 -16.33 -4.36 -0.80
N CYS A 39 -15.79 -3.83 -1.89
CA CYS A 39 -16.59 -3.50 -3.06
C CYS A 39 -16.05 -4.16 -4.33
N ASP A 40 -14.87 -4.76 -4.23
CA ASP A 40 -14.26 -5.42 -5.38
C ASP A 40 -13.96 -4.42 -6.48
N LYS A 41 -13.43 -3.26 -6.11
CA LYS A 41 -13.10 -2.21 -7.07
C LYS A 41 -11.59 -1.99 -7.12
N ILE A 42 -11.09 -1.66 -8.31
CA ILE A 42 -9.67 -1.41 -8.49
C ILE A 42 -9.37 0.08 -8.60
N PHE A 43 -8.28 0.50 -7.98
CA PHE A 43 -7.88 1.91 -8.01
C PHE A 43 -6.39 2.04 -8.33
N PRO A 44 -6.04 2.72 -9.44
CA PRO A 44 -4.64 2.92 -9.83
C PRO A 44 -3.85 3.68 -8.78
N ALA A 45 -2.53 3.53 -8.79
CA ALA A 45 -1.66 4.19 -7.83
C ALA A 45 -1.91 5.70 -7.80
N THR A 46 -2.43 6.24 -8.90
CA THR A 46 -2.72 7.66 -9.00
C THR A 46 -4.06 7.97 -8.34
N GLU A 47 -4.92 6.96 -8.24
CA GLU A 47 -6.22 7.11 -7.63
C GLU A 47 -6.17 6.73 -6.16
N LYS A 48 -4.96 6.66 -5.59
CA LYS A 48 -4.79 6.32 -4.19
C LYS A 48 -5.59 7.25 -3.30
N GLN A 49 -5.69 8.51 -3.72
CA GLN A 49 -6.44 9.50 -2.96
C GLN A 49 -7.92 9.12 -2.92
N ILE A 50 -8.47 8.82 -4.09
CA ILE A 50 -9.87 8.41 -4.19
C ILE A 50 -10.06 7.05 -3.55
N PHE A 51 -9.03 6.21 -3.67
CA PHE A 51 -9.07 4.88 -3.08
C PHE A 51 -9.15 4.97 -1.57
N GLU A 52 -8.29 5.82 -0.99
CA GLU A 52 -8.27 6.02 0.45
C GLU A 52 -9.65 6.50 0.92
N ASP A 53 -10.22 7.44 0.19
CA ASP A 53 -11.54 7.96 0.51
C ASP A 53 -12.59 6.87 0.32
N HIS A 54 -12.39 6.04 -0.70
CA HIS A 54 -13.31 4.95 -1.01
C HIS A 54 -13.32 3.92 0.13
N VAL A 55 -12.14 3.53 0.57
CA VAL A 55 -12.03 2.55 1.66
C VAL A 55 -12.56 3.15 2.96
N PHE A 56 -12.35 4.45 3.12
CA PHE A 56 -12.81 5.15 4.32
C PHE A 56 -14.33 5.10 4.44
N CYS A 57 -15.02 5.32 3.31
CA CYS A 57 -16.47 5.30 3.29
C CYS A 57 -17.00 3.97 3.85
N HIS A 58 -16.22 2.92 3.67
CA HIS A 58 -16.60 1.60 4.15
C HIS A 58 -16.32 1.46 5.66
N SER A 59 -15.46 2.32 6.18
CA SER A 59 -15.12 2.29 7.60
C SER A 59 -15.87 3.37 8.37
N LEU A 60 -16.44 4.33 7.65
CA LEU A 60 -17.18 5.42 8.27
C LEU A 60 -18.66 5.08 8.37
N SER A 4 16.57 -5.96 -23.02
CA SER A 4 17.12 -4.88 -22.15
C SER A 4 18.59 -4.62 -22.46
N PRO A 5 19.03 -3.36 -22.30
CA PRO A 5 20.42 -2.98 -22.56
C PRO A 5 21.38 -3.49 -21.49
N LEU A 6 20.86 -3.66 -20.28
CA LEU A 6 21.68 -4.13 -19.16
C LEU A 6 20.89 -5.12 -18.31
N SER A 7 21.51 -6.25 -18.00
CA SER A 7 20.86 -7.28 -17.18
C SER A 7 20.70 -6.81 -15.74
N ILE A 8 19.49 -6.95 -15.22
CA ILE A 8 19.20 -6.55 -13.84
C ILE A 8 17.91 -7.19 -13.34
N LYS A 9 17.95 -7.68 -12.11
CA LYS A 9 16.78 -8.33 -11.51
C LYS A 9 16.70 -8.02 -10.01
N LYS A 10 15.69 -8.57 -9.35
CA LYS A 10 15.50 -8.36 -7.93
C LYS A 10 16.12 -9.49 -7.12
N CYS A 11 17.11 -9.16 -6.29
CA CYS A 11 17.78 -10.16 -5.47
C CYS A 11 17.24 -10.14 -4.05
N PRO A 12 17.19 -11.30 -3.38
CA PRO A 12 16.70 -11.41 -2.01
C PRO A 12 17.38 -10.42 -1.07
N ILE A 13 16.58 -9.75 -0.26
CA ILE A 13 17.10 -8.76 0.68
C ILE A 13 17.06 -9.31 2.11
N CYS A 14 17.20 -10.63 2.24
CA CYS A 14 17.18 -11.27 3.55
C CYS A 14 18.60 -11.54 4.04
N LYS A 15 19.31 -12.42 3.34
CA LYS A 15 20.68 -12.77 3.70
C LYS A 15 21.65 -11.68 3.26
N ALA A 16 21.31 -11.01 2.16
CA ALA A 16 22.16 -9.95 1.63
C ALA A 16 22.12 -8.71 2.52
N ASP A 17 20.98 -8.48 3.16
CA ASP A 17 20.82 -7.33 4.04
C ASP A 17 20.85 -7.75 5.52
N ASP A 18 21.25 -9.00 5.77
CA ASP A 18 21.33 -9.52 7.14
C ASP A 18 20.00 -9.38 7.84
N ILE A 19 19.98 -9.68 9.14
CA ILE A 19 18.76 -9.60 9.93
C ILE A 19 18.96 -8.70 11.15
N CYS A 20 18.69 -7.41 10.98
CA CYS A 20 18.84 -6.45 12.06
C CYS A 20 17.75 -5.38 12.00
N ASP A 21 17.85 -4.51 10.99
CA ASP A 21 16.87 -3.43 10.82
C ASP A 21 16.37 -3.39 9.38
N HIS A 22 15.29 -4.13 9.12
CA HIS A 22 14.71 -4.17 7.78
C HIS A 22 13.71 -3.03 7.59
N THR A 23 13.08 -2.61 8.67
CA THR A 23 12.09 -1.53 8.63
C THR A 23 10.90 -1.92 7.75
N LEU A 24 9.78 -2.21 8.39
CA LEU A 24 8.57 -2.60 7.67
C LEU A 24 8.12 -1.48 6.73
N GLU A 25 8.35 -0.24 7.13
CA GLU A 25 7.96 0.91 6.32
C GLU A 25 8.67 0.88 4.96
N GLN A 26 9.89 0.36 4.95
CA GLN A 26 10.67 0.27 3.72
C GLN A 26 10.11 -0.80 2.79
N GLN A 27 9.53 -1.84 3.39
CA GLN A 27 8.95 -2.94 2.62
C GLN A 27 7.74 -2.47 1.83
N GLN A 28 6.84 -1.74 2.49
CA GLN A 28 5.64 -1.23 1.86
C GLN A 28 5.93 0.05 1.09
N MET A 29 6.43 -0.10 -0.14
CA MET A 29 6.76 1.04 -0.98
C MET A 29 5.52 1.58 -1.68
N GLN A 30 5.71 2.59 -2.52
CA GLN A 30 4.60 3.19 -3.27
C GLN A 30 3.91 2.14 -4.15
N PRO A 31 2.67 1.75 -3.79
CA PRO A 31 1.91 0.76 -4.54
C PRO A 31 1.63 1.21 -5.98
N LEU A 32 1.28 0.26 -6.84
CA LEU A 32 1.00 0.56 -8.23
C LEU A 32 -0.50 0.48 -8.51
N CYS A 33 -1.20 -0.32 -7.72
CA CYS A 33 -2.65 -0.49 -7.88
C CYS A 33 -3.29 -0.85 -6.55
N PHE A 34 -4.62 -0.78 -6.50
CA PHE A 34 -5.36 -1.10 -5.28
C PHE A 34 -6.61 -1.92 -5.60
N ASN A 35 -7.03 -2.72 -4.63
CA ASN A 35 -8.22 -3.56 -4.80
C ASN A 35 -9.04 -3.59 -3.53
N CYS A 36 -10.25 -3.01 -3.58
CA CYS A 36 -11.13 -2.97 -2.42
C CYS A 36 -11.85 -4.31 -2.25
N PRO A 37 -11.55 -5.05 -1.16
CA PRO A 37 -12.18 -6.34 -0.90
C PRO A 37 -13.59 -6.20 -0.35
N ILE A 38 -14.02 -4.95 -0.15
CA ILE A 38 -15.34 -4.68 0.37
C ILE A 38 -16.34 -4.40 -0.76
N CYS A 39 -15.83 -3.85 -1.86
CA CYS A 39 -16.68 -3.52 -3.01
C CYS A 39 -16.18 -4.21 -4.29
N ASP A 40 -14.96 -4.75 -4.24
CA ASP A 40 -14.37 -5.43 -5.39
C ASP A 40 -14.06 -4.44 -6.50
N LYS A 41 -13.52 -3.28 -6.12
CA LYS A 41 -13.17 -2.25 -7.09
C LYS A 41 -11.66 -2.02 -7.11
N ILE A 42 -11.13 -1.69 -8.29
CA ILE A 42 -9.70 -1.45 -8.44
C ILE A 42 -9.42 0.04 -8.54
N PHE A 43 -8.35 0.47 -7.88
CA PHE A 43 -7.96 1.89 -7.90
C PHE A 43 -6.47 2.04 -8.18
N PRO A 44 -6.12 2.65 -9.33
CA PRO A 44 -4.71 2.86 -9.72
C PRO A 44 -3.95 3.65 -8.66
N ALA A 45 -2.62 3.51 -8.68
CA ALA A 45 -1.77 4.20 -7.71
C ALA A 45 -2.05 5.70 -7.72
N THR A 46 -2.39 6.23 -8.88
CA THR A 46 -2.70 7.66 -9.01
C THR A 46 -4.05 7.96 -8.36
N GLU A 47 -4.90 6.94 -8.27
CA GLU A 47 -6.20 7.10 -7.66
C GLU A 47 -6.15 6.75 -6.17
N LYS A 48 -4.94 6.70 -5.61
CA LYS A 48 -4.76 6.38 -4.20
C LYS A 48 -5.59 7.33 -3.34
N GLN A 49 -5.71 8.57 -3.79
CA GLN A 49 -6.49 9.57 -3.06
C GLN A 49 -7.95 9.16 -3.03
N ILE A 50 -8.48 8.82 -4.21
CA ILE A 50 -9.87 8.37 -4.31
C ILE A 50 -10.04 7.03 -3.64
N PHE A 51 -9.00 6.21 -3.71
CA PHE A 51 -9.02 4.89 -3.09
C PHE A 51 -9.10 5.03 -1.57
N GLU A 52 -8.28 5.92 -1.03
CA GLU A 52 -8.27 6.17 0.40
C GLU A 52 -9.65 6.61 0.87
N ASP A 53 -10.26 7.52 0.10
CA ASP A 53 -11.59 8.01 0.41
C ASP A 53 -12.61 6.89 0.24
N HIS A 54 -12.39 6.05 -0.77
CA HIS A 54 -13.29 4.93 -1.05
C HIS A 54 -13.28 3.92 0.08
N VAL A 55 -12.08 3.55 0.55
CA VAL A 55 -11.96 2.59 1.64
C VAL A 55 -12.47 3.20 2.94
N PHE A 56 -12.29 4.51 3.07
CA PHE A 56 -12.73 5.22 4.27
C PHE A 56 -14.25 5.15 4.40
N CYS A 57 -14.95 5.35 3.30
CA CYS A 57 -16.41 5.31 3.30
C CYS A 57 -16.92 3.99 3.88
N HIS A 58 -16.14 2.93 3.67
CA HIS A 58 -16.49 1.61 4.18
C HIS A 58 -16.18 1.48 5.67
N SER A 59 -15.27 2.32 6.15
CA SER A 59 -14.89 2.30 7.55
C SER A 59 -15.71 3.31 8.37
N LEU A 60 -16.38 4.23 7.68
CA LEU A 60 -17.20 5.23 8.36
C LEU A 60 -18.68 4.83 8.35
N SER A 4 -9.60 -9.41 5.56
CA SER A 4 -9.61 -10.90 5.52
C SER A 4 -8.37 -11.45 4.81
N PRO A 5 -7.21 -11.43 5.48
CA PRO A 5 -5.96 -11.93 4.91
C PRO A 5 -5.93 -13.45 4.79
N LEU A 6 -5.63 -13.93 3.59
CA LEU A 6 -5.58 -15.37 3.34
C LEU A 6 -4.23 -15.96 3.78
N SER A 7 -3.19 -15.14 3.70
CA SER A 7 -1.85 -15.57 4.09
C SER A 7 -0.98 -14.37 4.46
N ILE A 8 0.30 -14.62 4.66
CA ILE A 8 1.24 -13.56 5.02
C ILE A 8 2.08 -13.14 3.82
N LYS A 9 2.56 -11.90 3.85
CA LYS A 9 3.38 -11.37 2.77
C LYS A 9 4.81 -11.10 3.24
N LYS A 10 4.93 -10.67 4.49
CA LYS A 10 6.25 -10.38 5.06
C LYS A 10 6.92 -11.65 5.57
N CYS A 11 8.18 -11.84 5.20
CA CYS A 11 8.93 -13.01 5.63
C CYS A 11 10.04 -12.63 6.59
N PRO A 12 10.34 -13.50 7.56
CA PRO A 12 11.39 -13.24 8.55
C PRO A 12 12.77 -13.18 7.92
N ILE A 13 13.53 -12.16 8.29
CA ILE A 13 14.88 -11.97 7.76
C ILE A 13 15.77 -11.27 8.79
N CYS A 14 16.31 -12.04 9.72
CA CYS A 14 17.19 -11.48 10.76
C CYS A 14 18.14 -12.54 11.29
N LYS A 15 17.59 -13.58 11.90
CA LYS A 15 18.39 -14.66 12.44
C LYS A 15 19.14 -15.40 11.34
N ALA A 16 18.56 -15.44 10.15
CA ALA A 16 19.17 -16.11 9.02
C ALA A 16 20.33 -15.30 8.46
N ASP A 17 20.23 -13.97 8.55
CA ASP A 17 21.27 -13.09 8.05
C ASP A 17 22.05 -12.45 9.20
N ASP A 18 21.80 -12.91 10.42
CA ASP A 18 22.50 -12.39 11.60
C ASP A 18 22.32 -10.87 11.69
N ILE A 19 23.10 -10.25 12.57
CA ILE A 19 23.04 -8.81 12.76
C ILE A 19 23.41 -8.07 11.48
N CYS A 20 22.41 -7.84 10.63
CA CYS A 20 22.64 -7.14 9.37
C CYS A 20 21.56 -6.09 9.13
N ASP A 21 21.61 -5.45 7.97
CA ASP A 21 20.64 -4.41 7.62
C ASP A 21 19.37 -5.03 7.06
N HIS A 22 18.29 -4.97 7.83
CA HIS A 22 17.01 -5.52 7.40
C HIS A 22 16.25 -4.52 6.54
N THR A 23 16.34 -3.25 6.90
CA THR A 23 15.66 -2.20 6.15
C THR A 23 14.15 -2.42 6.16
N LEU A 24 13.46 -1.80 7.11
CA LEU A 24 12.01 -1.93 7.22
C LEU A 24 11.31 -1.32 6.02
N GLU A 25 11.89 -0.25 5.49
CA GLU A 25 11.32 0.42 4.33
C GLU A 25 11.40 -0.46 3.08
N GLN A 26 12.53 -1.13 2.91
CA GLN A 26 12.73 -2.01 1.76
C GLN A 26 11.90 -3.28 1.90
N GLN A 27 11.68 -3.71 3.15
CA GLN A 27 10.91 -4.92 3.42
C GLN A 27 9.46 -4.75 2.94
N GLN A 28 8.97 -3.53 2.99
CA GLN A 28 7.59 -3.24 2.56
C GLN A 28 7.59 -2.24 1.41
N MET A 29 6.92 -2.61 0.32
CA MET A 29 6.83 -1.74 -0.84
C MET A 29 5.41 -1.18 -1.01
N GLN A 30 5.27 -0.21 -1.90
CA GLN A 30 3.97 0.40 -2.15
C GLN A 30 3.45 0.03 -3.54
N PRO A 31 2.42 -0.82 -3.61
CA PRO A 31 1.84 -1.25 -4.89
C PRO A 31 1.29 -0.09 -5.70
N LEU A 32 1.48 -0.13 -7.01
CA LEU A 32 1.00 0.93 -7.90
C LEU A 32 -0.50 0.81 -8.15
N CYS A 33 -1.12 -0.26 -7.66
CA CYS A 33 -2.55 -0.47 -7.83
C CYS A 33 -3.21 -0.81 -6.50
N PHE A 34 -4.53 -0.64 -6.43
CA PHE A 34 -5.27 -0.92 -5.21
C PHE A 34 -6.50 -1.78 -5.50
N ASN A 35 -6.91 -2.55 -4.51
CA ASN A 35 -8.07 -3.42 -4.65
C ASN A 35 -8.91 -3.42 -3.37
N CYS A 36 -10.15 -2.95 -3.49
CA CYS A 36 -11.05 -2.90 -2.34
C CYS A 36 -11.73 -4.25 -2.12
N PRO A 37 -11.42 -4.93 -1.00
CA PRO A 37 -12.02 -6.23 -0.69
C PRO A 37 -13.45 -6.10 -0.18
N ILE A 38 -13.93 -4.87 -0.06
CA ILE A 38 -15.28 -4.61 0.42
C ILE A 38 -16.24 -4.36 -0.74
N CYS A 39 -15.71 -3.82 -1.83
CA CYS A 39 -16.53 -3.53 -3.01
C CYS A 39 -15.97 -4.18 -4.27
N ASP A 40 -14.77 -4.77 -4.17
CA ASP A 40 -14.14 -5.42 -5.31
C ASP A 40 -13.86 -4.43 -6.43
N LYS A 41 -13.35 -3.26 -6.06
CA LYS A 41 -13.03 -2.23 -7.04
C LYS A 41 -11.53 -1.97 -7.09
N ILE A 42 -11.02 -1.69 -8.28
CA ILE A 42 -9.60 -1.43 -8.48
C ILE A 42 -9.34 0.07 -8.62
N PHE A 43 -8.26 0.53 -7.99
CA PHE A 43 -7.89 1.94 -8.05
C PHE A 43 -6.41 2.11 -8.37
N PRO A 44 -6.08 2.87 -9.44
CA PRO A 44 -4.69 3.10 -9.84
C PRO A 44 -3.92 3.91 -8.80
N ALA A 45 -2.59 3.79 -8.82
CA ALA A 45 -1.74 4.49 -7.88
C ALA A 45 -2.02 6.00 -7.88
N THR A 46 -2.50 6.51 -9.01
CA THR A 46 -2.82 7.92 -9.13
C THR A 46 -4.17 8.21 -8.49
N GLU A 47 -5.01 7.17 -8.42
CA GLU A 47 -6.33 7.30 -7.83
C GLU A 47 -6.29 6.91 -6.35
N LYS A 48 -5.09 6.88 -5.78
CA LYS A 48 -4.91 6.52 -4.38
C LYS A 48 -5.73 7.45 -3.48
N GLN A 49 -5.88 8.70 -3.91
CA GLN A 49 -6.64 9.67 -3.15
C GLN A 49 -8.10 9.25 -3.08
N ILE A 50 -8.67 8.91 -4.23
CA ILE A 50 -10.05 8.47 -4.30
C ILE A 50 -10.18 7.11 -3.64
N PHE A 51 -9.14 6.29 -3.76
CA PHE A 51 -9.11 4.98 -3.16
C PHE A 51 -9.18 5.09 -1.65
N GLU A 52 -8.34 5.98 -1.09
CA GLU A 52 -8.31 6.19 0.35
C GLU A 52 -9.68 6.63 0.83
N ASP A 53 -10.30 7.55 0.10
CA ASP A 53 -11.63 8.03 0.45
C ASP A 53 -12.64 6.90 0.28
N HIS A 54 -12.43 6.08 -0.75
CA HIS A 54 -13.32 4.96 -1.04
C HIS A 54 -13.30 3.94 0.10
N VAL A 55 -12.09 3.57 0.54
CA VAL A 55 -11.95 2.60 1.62
C VAL A 55 -12.45 3.19 2.93
N PHE A 56 -12.30 4.50 3.08
CA PHE A 56 -12.74 5.19 4.28
C PHE A 56 -14.25 5.10 4.44
N CYS A 57 -14.97 5.30 3.33
CA CYS A 57 -16.43 5.24 3.35
C CYS A 57 -16.91 3.90 3.91
N HIS A 58 -16.11 2.86 3.70
CA HIS A 58 -16.44 1.53 4.18
C HIS A 58 -16.15 1.38 5.67
N SER A 59 -15.35 2.29 6.21
CA SER A 59 -15.00 2.25 7.62
C SER A 59 -15.86 3.20 8.45
N LEU A 60 -16.55 4.11 7.77
CA LEU A 60 -17.42 5.07 8.45
C LEU A 60 -18.89 4.74 8.22
N SER A 4 19.65 -1.79 13.87
CA SER A 4 19.68 -2.95 14.81
C SER A 4 18.27 -3.37 15.23
N PRO A 5 17.51 -2.45 15.85
CA PRO A 5 16.14 -2.74 16.30
C PRO A 5 15.15 -2.81 15.13
N LEU A 6 14.67 -4.01 14.85
CA LEU A 6 13.72 -4.21 13.76
C LEU A 6 12.28 -4.11 14.27
N SER A 7 11.33 -4.40 13.39
CA SER A 7 9.92 -4.33 13.75
C SER A 7 9.30 -5.73 13.76
N ILE A 8 9.07 -6.26 14.97
CA ILE A 8 8.49 -7.58 15.12
C ILE A 8 6.97 -7.51 15.25
N LYS A 9 6.27 -7.71 14.14
CA LYS A 9 4.82 -7.67 14.13
C LYS A 9 4.26 -8.41 12.92
N LYS A 10 2.97 -8.74 12.98
CA LYS A 10 2.32 -9.45 11.89
C LYS A 10 1.61 -8.48 10.96
N CYS A 11 2.11 -8.37 9.73
CA CYS A 11 1.53 -7.47 8.73
C CYS A 11 0.50 -8.20 7.88
N PRO A 12 -0.61 -7.52 7.52
CA PRO A 12 -1.67 -8.11 6.71
C PRO A 12 -1.13 -8.70 5.42
N ILE A 13 -1.56 -9.92 5.11
CA ILE A 13 -1.13 -10.59 3.89
C ILE A 13 -2.18 -10.51 2.81
N CYS A 14 -3.34 -11.12 3.05
CA CYS A 14 -4.45 -11.10 2.09
C CYS A 14 -4.13 -11.97 0.89
N LYS A 15 -3.08 -11.63 0.16
CA LYS A 15 -2.67 -12.37 -1.02
C LYS A 15 -2.58 -13.87 -0.74
N ALA A 16 -2.34 -14.22 0.52
CA ALA A 16 -2.24 -15.62 0.91
C ALA A 16 -3.55 -16.37 0.68
N ASP A 17 -4.66 -15.63 0.72
CA ASP A 17 -5.98 -16.22 0.51
C ASP A 17 -6.45 -16.02 -0.93
N ASP A 18 -5.56 -15.56 -1.81
CA ASP A 18 -5.91 -15.34 -3.20
C ASP A 18 -4.91 -16.00 -4.13
N ILE A 19 -3.63 -15.84 -3.83
CA ILE A 19 -2.57 -16.43 -4.63
C ILE A 19 -1.41 -16.90 -3.76
N CYS A 20 -0.39 -17.46 -4.39
CA CYS A 20 0.78 -17.96 -3.67
C CYS A 20 1.94 -16.97 -3.77
N ASP A 21 2.10 -16.38 -4.95
CA ASP A 21 3.18 -15.42 -5.18
C ASP A 21 2.87 -14.10 -4.49
N HIS A 22 3.39 -13.92 -3.28
CA HIS A 22 3.17 -12.69 -2.52
C HIS A 22 4.16 -11.61 -2.94
N THR A 23 5.35 -12.03 -3.36
CA THR A 23 6.39 -11.09 -3.78
C THR A 23 6.80 -10.18 -2.64
N LEU A 24 8.03 -10.34 -2.17
CA LEU A 24 8.55 -9.54 -1.08
C LEU A 24 8.62 -8.06 -1.47
N GLU A 25 8.90 -7.81 -2.75
CA GLU A 25 8.99 -6.45 -3.25
C GLU A 25 7.67 -5.70 -3.06
N GLN A 26 6.56 -6.39 -3.29
CA GLN A 26 5.24 -5.80 -3.14
C GLN A 26 4.91 -5.58 -1.67
N GLN A 27 5.42 -6.46 -0.81
CA GLN A 27 5.19 -6.37 0.62
C GLN A 27 5.97 -5.21 1.24
N GLN A 28 7.13 -4.92 0.66
CA GLN A 28 7.98 -3.85 1.15
C GLN A 28 7.55 -2.50 0.57
N MET A 29 7.86 -2.28 -0.71
CA MET A 29 7.50 -1.02 -1.37
C MET A 29 5.99 -0.88 -1.49
N GLN A 30 5.51 0.35 -1.40
CA GLN A 30 4.08 0.62 -1.50
C GLN A 30 3.54 0.22 -2.87
N PRO A 31 2.31 -0.34 -2.91
CA PRO A 31 1.70 -0.78 -4.17
C PRO A 31 1.15 0.38 -5.00
N LEU A 32 1.34 0.30 -6.31
CA LEU A 32 0.87 1.34 -7.21
C LEU A 32 -0.55 1.09 -7.68
N CYS A 33 -1.10 -0.05 -7.29
CA CYS A 33 -2.47 -0.39 -7.65
C CYS A 33 -3.23 -0.78 -6.39
N PHE A 34 -4.53 -0.68 -6.43
CA PHE A 34 -5.33 -0.99 -5.25
C PHE A 34 -6.58 -1.79 -5.59
N ASN A 35 -7.01 -2.58 -4.62
CA ASN A 35 -8.20 -3.42 -4.78
C ASN A 35 -9.03 -3.43 -3.51
N CYS A 36 -10.27 -3.00 -3.61
CA CYS A 36 -11.16 -2.96 -2.45
C CYS A 36 -11.87 -4.30 -2.26
N PRO A 37 -11.56 -5.03 -1.17
CA PRO A 37 -12.18 -6.32 -0.88
C PRO A 37 -13.61 -6.17 -0.36
N ILE A 38 -14.04 -4.93 -0.17
CA ILE A 38 -15.38 -4.65 0.32
C ILE A 38 -16.34 -4.38 -0.83
N CYS A 39 -15.83 -3.83 -1.93
CA CYS A 39 -16.65 -3.51 -3.09
C CYS A 39 -16.14 -4.19 -4.36
N ASP A 40 -14.94 -4.77 -4.28
CA ASP A 40 -14.34 -5.45 -5.43
C ASP A 40 -14.00 -4.46 -6.54
N LYS A 41 -13.53 -3.28 -6.15
CA LYS A 41 -13.16 -2.25 -7.12
C LYS A 41 -11.66 -1.97 -7.06
N ILE A 42 -11.05 -1.84 -8.24
CA ILE A 42 -9.61 -1.57 -8.32
C ILE A 42 -9.35 -0.08 -8.53
N PHE A 43 -8.32 0.43 -7.88
CA PHE A 43 -7.97 1.85 -8.00
C PHE A 43 -6.49 2.03 -8.33
N PRO A 44 -6.18 2.74 -9.43
CA PRO A 44 -4.80 3.00 -9.85
C PRO A 44 -4.07 3.89 -8.85
N ALA A 45 -2.74 3.84 -8.86
CA ALA A 45 -1.94 4.65 -7.94
C ALA A 45 -2.33 6.11 -8.02
N THR A 46 -2.71 6.57 -9.21
CA THR A 46 -3.13 7.95 -9.39
C THR A 46 -4.45 8.19 -8.67
N GLU A 47 -5.22 7.12 -8.49
CA GLU A 47 -6.50 7.20 -7.81
C GLU A 47 -6.34 6.84 -6.34
N LYS A 48 -5.10 6.88 -5.84
CA LYS A 48 -4.83 6.56 -4.44
C LYS A 48 -5.65 7.45 -3.53
N GLN A 49 -5.83 8.70 -3.95
CA GLN A 49 -6.61 9.66 -3.18
C GLN A 49 -8.05 9.20 -3.09
N ILE A 50 -8.61 8.87 -4.25
CA ILE A 50 -9.99 8.39 -4.32
C ILE A 50 -10.10 7.02 -3.66
N PHE A 51 -9.03 6.24 -3.78
CA PHE A 51 -8.99 4.91 -3.18
C PHE A 51 -9.04 5.02 -1.66
N GLU A 52 -8.20 5.89 -1.11
CA GLU A 52 -8.16 6.10 0.33
C GLU A 52 -9.53 6.52 0.83
N ASP A 53 -10.16 7.45 0.12
CA ASP A 53 -11.48 7.92 0.48
C ASP A 53 -12.50 6.81 0.31
N HIS A 54 -12.31 6.01 -0.73
CA HIS A 54 -13.21 4.90 -1.02
C HIS A 54 -13.19 3.86 0.10
N VAL A 55 -11.99 3.48 0.53
CA VAL A 55 -11.85 2.51 1.61
C VAL A 55 -12.35 3.09 2.93
N PHE A 56 -12.18 4.40 3.08
CA PHE A 56 -12.62 5.09 4.29
C PHE A 56 -14.13 5.01 4.44
N CYS A 57 -14.86 5.24 3.34
CA CYS A 57 -16.32 5.19 3.36
C CYS A 57 -16.81 3.86 3.91
N HIS A 58 -16.02 2.82 3.68
CA HIS A 58 -16.38 1.48 4.15
C HIS A 58 -16.07 1.33 5.64
N SER A 59 -15.14 2.14 6.14
CA SER A 59 -14.77 2.10 7.55
C SER A 59 -15.51 3.17 8.35
N LEU A 60 -16.09 4.14 7.65
CA LEU A 60 -16.82 5.22 8.30
C LEU A 60 -17.90 5.77 7.38
N SER A 4 23.04 -27.19 -3.87
CA SER A 4 21.75 -27.74 -4.35
C SER A 4 20.59 -27.27 -3.47
N PRO A 5 19.99 -26.12 -3.81
CA PRO A 5 18.87 -25.57 -3.04
C PRO A 5 17.59 -26.40 -3.20
N LEU A 6 17.22 -27.11 -2.14
CA LEU A 6 16.03 -27.95 -2.15
C LEU A 6 15.31 -27.87 -0.81
N SER A 7 14.14 -28.52 -0.74
CA SER A 7 13.35 -28.53 0.48
C SER A 7 12.95 -27.11 0.88
N ILE A 8 12.19 -27.01 1.97
CA ILE A 8 11.74 -25.72 2.46
C ILE A 8 12.42 -25.36 3.78
N LYS A 9 13.21 -24.28 3.77
CA LYS A 9 13.91 -23.84 4.96
C LYS A 9 13.75 -22.34 5.18
N LYS A 10 12.81 -21.72 4.45
CA LYS A 10 12.57 -20.30 4.58
C LYS A 10 11.13 -20.04 5.05
N CYS A 11 11.01 -19.36 6.18
CA CYS A 11 9.69 -19.05 6.74
C CYS A 11 9.07 -17.86 6.02
N PRO A 12 7.74 -17.90 5.81
CA PRO A 12 7.04 -16.82 5.13
C PRO A 12 6.99 -15.54 5.96
N ILE A 13 7.31 -14.43 5.32
CA ILE A 13 7.32 -13.13 6.00
C ILE A 13 5.94 -12.49 5.98
N CYS A 14 5.50 -12.06 4.80
CA CYS A 14 4.20 -11.42 4.64
C CYS A 14 3.10 -12.47 4.51
N LYS A 15 2.97 -13.32 5.52
CA LYS A 15 1.96 -14.37 5.51
C LYS A 15 0.61 -13.83 5.97
N ALA A 16 0.64 -12.88 6.90
CA ALA A 16 -0.59 -12.29 7.41
C ALA A 16 -1.19 -11.32 6.41
N ASP A 17 -0.34 -10.69 5.61
CA ASP A 17 -0.79 -9.74 4.60
C ASP A 17 -1.21 -10.46 3.31
N ASP A 18 -0.68 -11.66 3.12
CA ASP A 18 -1.01 -12.45 1.93
C ASP A 18 -0.87 -13.94 2.22
N ILE A 19 -1.88 -14.71 1.80
CA ILE A 19 -1.86 -16.16 2.01
C ILE A 19 -1.70 -16.90 0.69
N CYS A 20 -2.24 -16.33 -0.38
CA CYS A 20 -2.15 -16.93 -1.70
C CYS A 20 -0.78 -16.70 -2.32
N ASP A 21 -0.54 -15.46 -2.76
CA ASP A 21 0.73 -15.09 -3.37
C ASP A 21 1.56 -14.23 -2.43
N HIS A 22 2.88 -14.45 -2.45
CA HIS A 22 3.78 -13.70 -1.59
C HIS A 22 4.16 -12.37 -2.24
N THR A 23 4.30 -12.38 -3.56
CA THR A 23 4.66 -11.18 -4.32
C THR A 23 5.78 -10.39 -3.62
N LEU A 24 7.02 -10.75 -3.92
CA LEU A 24 8.17 -10.09 -3.33
C LEU A 24 8.13 -8.58 -3.57
N GLU A 25 7.54 -8.18 -4.69
CA GLU A 25 7.44 -6.77 -5.05
C GLU A 25 6.74 -5.98 -3.95
N GLN A 26 5.82 -6.65 -3.24
CA GLN A 26 5.08 -6.00 -2.17
C GLN A 26 5.97 -5.77 -0.95
N GLN A 27 6.84 -6.74 -0.68
CA GLN A 27 7.75 -6.64 0.45
C GLN A 27 8.80 -5.56 0.23
N GLN A 28 9.17 -5.35 -1.03
CA GLN A 28 10.15 -4.34 -1.37
C GLN A 28 9.56 -2.94 -1.27
N MET A 29 8.40 -2.75 -1.88
CA MET A 29 7.72 -1.46 -1.85
C MET A 29 6.22 -1.62 -2.10
N GLN A 30 5.45 -0.64 -1.66
CA GLN A 30 4.00 -0.67 -1.84
C GLN A 30 3.63 -0.70 -3.33
N PRO A 31 2.50 -1.34 -3.68
CA PRO A 31 2.04 -1.44 -5.06
C PRO A 31 1.55 -0.10 -5.60
N LEU A 32 1.47 0.00 -6.92
CA LEU A 32 1.01 1.23 -7.57
C LEU A 32 -0.50 1.18 -7.83
N CYS A 33 -1.13 0.05 -7.53
CA CYS A 33 -2.56 -0.09 -7.75
C CYS A 33 -3.22 -0.58 -6.47
N PHE A 34 -4.52 -0.33 -6.36
CA PHE A 34 -5.24 -0.72 -5.16
C PHE A 34 -6.46 -1.57 -5.46
N ASN A 35 -6.89 -2.31 -4.45
CA ASN A 35 -8.05 -3.17 -4.58
C ASN A 35 -8.90 -3.14 -3.30
N CYS A 36 -10.20 -2.91 -3.47
CA CYS A 36 -11.11 -2.85 -2.33
C CYS A 36 -11.74 -4.22 -2.07
N PRO A 37 -11.40 -4.86 -0.93
CA PRO A 37 -11.96 -6.17 -0.58
C PRO A 37 -13.39 -6.08 -0.08
N ILE A 38 -13.92 -4.86 -0.02
CA ILE A 38 -15.28 -4.64 0.45
C ILE A 38 -16.23 -4.41 -0.73
N CYS A 39 -15.70 -3.87 -1.83
CA CYS A 39 -16.50 -3.61 -3.01
C CYS A 39 -15.92 -4.26 -4.27
N ASP A 40 -14.73 -4.85 -4.13
CA ASP A 40 -14.08 -5.52 -5.26
C ASP A 40 -13.79 -4.53 -6.38
N LYS A 41 -13.32 -3.34 -6.01
CA LYS A 41 -13.00 -2.30 -6.98
C LYS A 41 -11.51 -1.99 -7.00
N ILE A 42 -10.96 -1.80 -8.19
CA ILE A 42 -9.54 -1.49 -8.33
C ILE A 42 -9.34 0.01 -8.51
N PHE A 43 -8.18 0.51 -8.10
CA PHE A 43 -7.88 1.93 -8.21
C PHE A 43 -6.46 2.19 -8.69
N PRO A 44 -6.29 2.91 -9.81
CA PRO A 44 -4.96 3.23 -10.36
C PRO A 44 -4.11 3.99 -9.34
N ALA A 45 -2.78 3.97 -9.54
CA ALA A 45 -1.88 4.64 -8.62
C ALA A 45 -2.26 6.10 -8.42
N THR A 46 -2.80 6.73 -9.45
CA THR A 46 -3.23 8.12 -9.36
C THR A 46 -4.53 8.22 -8.58
N GLU A 47 -5.13 7.06 -8.28
CA GLU A 47 -6.38 7.02 -7.53
C GLU A 47 -6.14 6.60 -6.09
N LYS A 48 -4.90 6.71 -5.63
CA LYS A 48 -4.55 6.35 -4.26
C LYS A 48 -5.39 7.18 -3.29
N GLN A 49 -5.50 8.47 -3.61
CA GLN A 49 -6.27 9.39 -2.78
C GLN A 49 -7.75 9.00 -2.82
N ILE A 50 -8.26 8.79 -4.02
CA ILE A 50 -9.66 8.39 -4.20
C ILE A 50 -9.91 7.05 -3.54
N PHE A 51 -8.95 6.15 -3.67
CA PHE A 51 -9.05 4.82 -3.08
C PHE A 51 -9.17 4.92 -1.56
N GLU A 52 -8.30 5.73 -0.96
CA GLU A 52 -8.31 5.92 0.49
C GLU A 52 -9.66 6.42 0.94
N ASP A 53 -10.22 7.38 0.19
CA ASP A 53 -11.53 7.92 0.52
C ASP A 53 -12.60 6.85 0.33
N HIS A 54 -12.42 6.03 -0.70
CA HIS A 54 -13.35 4.95 -1.00
C HIS A 54 -13.37 3.91 0.12
N VAL A 55 -12.18 3.51 0.56
CA VAL A 55 -12.08 2.52 1.64
C VAL A 55 -12.61 3.13 2.94
N PHE A 56 -12.42 4.43 3.09
CA PHE A 56 -12.87 5.13 4.28
C PHE A 56 -14.40 5.09 4.39
N CYS A 57 -15.07 5.29 3.26
CA CYS A 57 -16.53 5.25 3.22
C CYS A 57 -17.06 3.94 3.80
N HIS A 58 -16.27 2.88 3.64
CA HIS A 58 -16.65 1.57 4.14
C HIS A 58 -16.39 1.45 5.64
N SER A 59 -15.55 2.34 6.17
CA SER A 59 -15.22 2.33 7.59
C SER A 59 -16.02 3.39 8.35
N LEU A 60 -16.62 4.32 7.62
CA LEU A 60 -17.42 5.37 8.23
C LEU A 60 -18.90 5.02 8.22
N SER A 4 -1.04 -24.43 -20.03
CA SER A 4 -0.21 -23.92 -18.91
C SER A 4 -0.77 -24.38 -17.56
N PRO A 5 0.11 -24.67 -16.59
CA PRO A 5 -0.29 -25.13 -15.26
C PRO A 5 -0.86 -24.00 -14.41
N LEU A 6 -0.40 -22.78 -14.67
CA LEU A 6 -0.86 -21.62 -13.92
C LEU A 6 -2.19 -21.12 -14.46
N SER A 7 -2.89 -20.33 -13.65
CA SER A 7 -4.19 -19.78 -14.05
C SER A 7 -4.42 -18.42 -13.41
N ILE A 8 -3.33 -17.73 -13.05
CA ILE A 8 -3.43 -16.41 -12.45
C ILE A 8 -4.34 -16.42 -11.23
N LYS A 9 -3.76 -16.53 -10.04
CA LYS A 9 -4.53 -16.55 -8.81
C LYS A 9 -3.60 -16.48 -7.58
N LYS A 10 -2.69 -15.51 -7.59
CA LYS A 10 -1.75 -15.34 -6.49
C LYS A 10 -2.10 -14.09 -5.68
N CYS A 11 -2.09 -14.24 -4.35
CA CYS A 11 -2.40 -13.13 -3.47
C CYS A 11 -1.22 -12.80 -2.56
N PRO A 12 -0.99 -11.51 -2.28
CA PRO A 12 0.12 -11.08 -1.43
C PRO A 12 0.12 -11.78 -0.08
N ILE A 13 1.29 -12.26 0.33
CA ILE A 13 1.43 -12.96 1.60
C ILE A 13 0.60 -14.24 1.61
N CYS A 14 1.22 -15.35 1.26
CA CYS A 14 0.54 -16.64 1.24
C CYS A 14 0.71 -17.36 2.57
N LYS A 15 -0.12 -16.99 3.55
CA LYS A 15 -0.07 -17.59 4.87
C LYS A 15 -0.51 -19.06 4.82
N ALA A 16 -1.42 -19.37 3.89
CA ALA A 16 -1.91 -20.73 3.74
C ALA A 16 -0.81 -21.67 3.27
N ASP A 17 0.13 -21.13 2.51
CA ASP A 17 1.25 -21.92 2.00
C ASP A 17 2.49 -21.74 2.86
N ASP A 18 2.56 -20.63 3.58
CA ASP A 18 3.70 -20.35 4.44
C ASP A 18 3.42 -20.79 5.88
N ILE A 19 4.41 -21.42 6.51
CA ILE A 19 4.27 -21.88 7.87
C ILE A 19 5.12 -21.06 8.83
N CYS A 20 6.25 -20.57 8.34
CA CYS A 20 7.15 -19.75 9.15
C CYS A 20 6.60 -18.35 9.33
N ASP A 21 7.39 -17.49 9.97
CA ASP A 21 6.98 -16.11 10.21
C ASP A 21 7.15 -15.26 8.94
N HIS A 22 6.03 -14.72 8.46
CA HIS A 22 6.06 -13.89 7.26
C HIS A 22 6.73 -12.55 7.53
N THR A 23 6.66 -12.10 8.77
CA THR A 23 7.26 -10.83 9.17
C THR A 23 6.57 -9.66 8.46
N LEU A 24 6.37 -8.57 9.19
CA LEU A 24 5.73 -7.38 8.64
C LEU A 24 6.54 -6.82 7.46
N GLU A 25 7.84 -7.08 7.47
CA GLU A 25 8.71 -6.60 6.40
C GLU A 25 8.24 -7.07 5.03
N GLN A 26 7.76 -8.32 4.98
CA GLN A 26 7.27 -8.89 3.74
C GLN A 26 5.94 -8.27 3.34
N GLN A 27 5.16 -7.87 4.33
CA GLN A 27 3.85 -7.26 4.09
C GLN A 27 4.00 -5.84 3.58
N GLN A 28 4.86 -5.06 4.24
CA GLN A 28 5.10 -3.68 3.86
C GLN A 28 5.57 -3.58 2.41
N MET A 29 4.85 -2.80 1.61
CA MET A 29 5.20 -2.62 0.21
C MET A 29 4.58 -1.34 -0.35
N GLN A 30 4.64 -1.17 -1.67
CA GLN A 30 4.09 0.00 -2.31
C GLN A 30 3.60 -0.33 -3.72
N PRO A 31 2.44 -0.99 -3.84
CA PRO A 31 1.87 -1.37 -5.14
C PRO A 31 1.30 -0.16 -5.87
N LEU A 32 1.44 -0.15 -7.19
CA LEU A 32 0.95 0.95 -8.01
C LEU A 32 -0.56 0.84 -8.23
N CYS A 33 -1.16 -0.25 -7.76
CA CYS A 33 -2.60 -0.45 -7.91
C CYS A 33 -3.23 -0.82 -6.57
N PHE A 34 -4.53 -0.59 -6.45
CA PHE A 34 -5.25 -0.90 -5.21
C PHE A 34 -6.48 -1.75 -5.50
N ASN A 35 -6.88 -2.55 -4.53
CA ASN A 35 -8.04 -3.42 -4.68
C ASN A 35 -8.87 -3.45 -3.40
N CYS A 36 -10.11 -2.97 -3.48
CA CYS A 36 -11.00 -2.95 -2.32
C CYS A 36 -11.67 -4.30 -2.12
N PRO A 37 -11.34 -5.01 -1.03
CA PRO A 37 -11.94 -6.32 -0.74
C PRO A 37 -13.37 -6.20 -0.24
N ILE A 38 -13.84 -4.98 -0.05
CA ILE A 38 -15.19 -4.73 0.42
C ILE A 38 -16.16 -4.48 -0.73
N CYS A 39 -15.63 -3.93 -1.83
CA CYS A 39 -16.45 -3.63 -2.99
C CYS A 39 -15.92 -4.29 -4.25
N ASP A 40 -14.71 -4.84 -4.18
CA ASP A 40 -14.09 -5.50 -5.33
C ASP A 40 -13.81 -4.51 -6.45
N LYS A 41 -13.30 -3.34 -6.07
CA LYS A 41 -12.99 -2.28 -7.04
C LYS A 41 -11.49 -2.02 -7.09
N ILE A 42 -11.00 -1.67 -8.27
CA ILE A 42 -9.58 -1.38 -8.45
C ILE A 42 -9.34 0.12 -8.55
N PHE A 43 -8.27 0.59 -7.94
CA PHE A 43 -7.94 2.01 -7.97
C PHE A 43 -6.46 2.23 -8.32
N PRO A 44 -6.19 2.89 -9.47
CA PRO A 44 -4.81 3.16 -9.90
C PRO A 44 -4.02 3.92 -8.85
N ALA A 45 -2.68 3.82 -8.92
CA ALA A 45 -1.81 4.50 -7.97
C ALA A 45 -2.14 5.99 -7.88
N THR A 46 -2.55 6.57 -9.01
CA THR A 46 -2.91 7.99 -9.04
C THR A 46 -4.25 8.22 -8.36
N GLU A 47 -5.05 7.16 -8.27
CA GLU A 47 -6.35 7.24 -7.63
C GLU A 47 -6.26 6.88 -6.15
N LYS A 48 -5.04 6.88 -5.61
CA LYS A 48 -4.82 6.54 -4.21
C LYS A 48 -5.67 7.44 -3.33
N GLN A 49 -5.81 8.70 -3.73
CA GLN A 49 -6.61 9.65 -2.99
C GLN A 49 -8.07 9.22 -2.97
N ILE A 50 -8.59 8.89 -4.14
CA ILE A 50 -9.96 8.43 -4.26
C ILE A 50 -10.12 7.07 -3.60
N PHE A 51 -9.07 6.27 -3.67
CA PHE A 51 -9.07 4.95 -3.06
C PHE A 51 -9.16 5.07 -1.55
N GLU A 52 -8.33 5.95 -0.98
CA GLU A 52 -8.33 6.16 0.46
C GLU A 52 -9.72 6.61 0.93
N ASP A 53 -10.32 7.52 0.17
CA ASP A 53 -11.65 8.01 0.49
C ASP A 53 -12.67 6.89 0.31
N HIS A 54 -12.45 6.06 -0.72
CA HIS A 54 -13.33 4.94 -1.01
C HIS A 54 -13.32 3.92 0.13
N VAL A 55 -12.13 3.55 0.58
CA VAL A 55 -12.00 2.60 1.67
C VAL A 55 -12.53 3.19 2.97
N PHE A 56 -12.37 4.50 3.12
CA PHE A 56 -12.84 5.20 4.31
C PHE A 56 -14.36 5.12 4.43
N CYS A 57 -15.04 5.30 3.31
CA CYS A 57 -16.50 5.25 3.28
C CYS A 57 -17.00 3.93 3.86
N HIS A 58 -16.19 2.88 3.70
CA HIS A 58 -16.54 1.56 4.20
C HIS A 58 -16.28 1.46 5.70
N SER A 59 -15.39 2.31 6.20
CA SER A 59 -15.04 2.31 7.62
C SER A 59 -15.89 3.32 8.38
N LEU A 60 -16.54 4.23 7.66
CA LEU A 60 -17.39 5.25 8.28
C LEU A 60 -18.53 5.65 7.36
N SER A 4 -2.98 14.74 27.47
CA SER A 4 -2.68 13.65 26.51
C SER A 4 -1.21 13.25 26.56
N PRO A 5 -0.86 12.26 27.41
CA PRO A 5 0.52 11.79 27.55
C PRO A 5 1.16 11.46 26.21
N LEU A 6 2.27 12.13 25.90
CA LEU A 6 2.97 11.90 24.65
C LEU A 6 2.08 12.22 23.45
N SER A 7 2.70 12.53 22.31
CA SER A 7 1.95 12.86 21.11
C SER A 7 2.22 11.83 20.02
N ILE A 8 1.58 12.01 18.87
CA ILE A 8 1.75 11.10 17.74
C ILE A 8 3.06 11.36 17.01
N LYS A 9 3.90 10.33 16.92
CA LYS A 9 5.19 10.45 16.25
C LYS A 9 5.70 9.08 15.81
N LYS A 10 6.16 8.30 16.78
CA LYS A 10 6.69 6.97 16.50
C LYS A 10 5.85 5.90 17.20
N CYS A 11 5.02 5.21 16.44
CA CYS A 11 4.17 4.15 16.99
C CYS A 11 4.53 2.79 16.42
N PRO A 12 4.87 1.82 17.27
CA PRO A 12 5.23 0.47 16.83
C PRO A 12 4.05 -0.28 16.25
N ILE A 13 4.25 -0.90 15.10
CA ILE A 13 3.20 -1.67 14.44
C ILE A 13 3.16 -3.09 14.96
N CYS A 14 4.22 -3.84 14.72
CA CYS A 14 4.30 -5.23 15.16
C CYS A 14 5.50 -5.45 16.09
N LYS A 15 6.29 -4.40 16.30
CA LYS A 15 7.45 -4.49 17.17
C LYS A 15 7.06 -4.83 18.60
N ALA A 16 5.86 -4.41 18.99
CA ALA A 16 5.35 -4.67 20.33
C ALA A 16 5.12 -6.15 20.56
N ASP A 17 4.78 -6.87 19.48
CA ASP A 17 4.54 -8.30 19.56
C ASP A 17 5.71 -9.10 19.03
N ASP A 18 6.52 -8.48 18.18
CA ASP A 18 7.69 -9.14 17.61
C ASP A 18 8.52 -8.16 16.78
N ILE A 19 9.84 -8.22 16.96
CA ILE A 19 10.75 -7.34 16.23
C ILE A 19 10.76 -7.67 14.74
N CYS A 20 11.31 -8.83 14.39
CA CYS A 20 11.38 -9.26 13.00
C CYS A 20 12.10 -8.22 12.14
N ASP A 21 12.37 -8.58 10.90
CA ASP A 21 13.05 -7.68 9.97
C ASP A 21 12.08 -7.12 8.93
N HIS A 22 11.59 -5.91 9.18
CA HIS A 22 10.65 -5.27 8.26
C HIS A 22 11.38 -4.69 7.05
N THR A 23 12.57 -4.16 7.29
CA THR A 23 13.36 -3.57 6.22
C THR A 23 12.65 -2.37 5.60
N LEU A 24 13.43 -1.38 5.17
CA LEU A 24 12.86 -0.18 4.57
C LEU A 24 12.17 -0.51 3.24
N GLU A 25 12.68 -1.52 2.55
CA GLU A 25 12.10 -1.94 1.28
C GLU A 25 10.64 -2.34 1.45
N GLN A 26 10.37 -3.15 2.47
CA GLN A 26 9.01 -3.61 2.73
C GLN A 26 8.12 -2.46 3.19
N GLN A 27 8.73 -1.47 3.85
CA GLN A 27 7.99 -0.32 4.33
C GLN A 27 7.53 0.57 3.18
N GLN A 28 8.44 0.84 2.25
CA GLN A 28 8.12 1.67 1.10
C GLN A 28 8.39 0.93 -0.21
N MET A 29 7.32 0.53 -0.89
CA MET A 29 7.43 -0.19 -2.15
C MET A 29 6.71 0.55 -3.28
N GLN A 30 6.04 1.65 -2.95
CA GLN A 30 5.32 2.44 -3.95
C GLN A 30 4.25 1.58 -4.64
N PRO A 31 3.01 1.62 -4.13
CA PRO A 31 1.90 0.84 -4.70
C PRO A 31 1.61 1.23 -6.15
N LEU A 32 1.29 0.25 -6.97
CA LEU A 32 0.99 0.49 -8.38
C LEU A 32 -0.51 0.35 -8.65
N CYS A 33 -1.20 -0.38 -7.78
CA CYS A 33 -2.64 -0.60 -7.94
C CYS A 33 -3.29 -0.92 -6.60
N PHE A 34 -4.61 -0.84 -6.55
CA PHE A 34 -5.35 -1.13 -5.34
C PHE A 34 -6.60 -1.94 -5.63
N ASN A 35 -7.02 -2.75 -4.66
CA ASN A 35 -8.21 -3.58 -4.83
C ASN A 35 -9.03 -3.61 -3.54
N CYS A 36 -10.23 -3.03 -3.59
CA CYS A 36 -11.10 -2.99 -2.43
C CYS A 36 -11.79 -4.34 -2.21
N PRO A 37 -11.47 -5.04 -1.12
CA PRO A 37 -12.07 -6.34 -0.82
C PRO A 37 -13.50 -6.21 -0.27
N ILE A 38 -13.96 -4.97 -0.13
CA ILE A 38 -15.28 -4.70 0.38
C ILE A 38 -16.26 -4.43 -0.76
N CYS A 39 -15.74 -3.88 -1.86
CA CYS A 39 -16.58 -3.55 -3.01
C CYS A 39 -16.05 -4.20 -4.29
N ASP A 40 -14.87 -4.81 -4.22
CA ASP A 40 -14.27 -5.46 -5.38
C ASP A 40 -13.95 -4.44 -6.47
N LYS A 41 -13.55 -3.24 -6.05
CA LYS A 41 -13.22 -2.18 -7.00
C LYS A 41 -11.72 -1.92 -7.02
N ILE A 42 -11.18 -1.68 -8.21
CA ILE A 42 -9.75 -1.42 -8.36
C ILE A 42 -9.48 0.08 -8.45
N PHE A 43 -8.34 0.50 -7.90
CA PHE A 43 -7.97 1.91 -7.92
C PHE A 43 -6.48 2.08 -8.24
N PRO A 44 -6.16 2.71 -9.39
CA PRO A 44 -4.76 2.93 -9.80
C PRO A 44 -3.96 3.66 -8.74
N ALA A 45 -2.64 3.51 -8.79
CA ALA A 45 -1.75 4.15 -7.82
C ALA A 45 -2.00 5.66 -7.75
N THR A 46 -2.37 6.25 -8.88
CA THR A 46 -2.65 7.68 -8.94
C THR A 46 -4.00 7.99 -8.30
N GLU A 47 -4.86 6.97 -8.23
CA GLU A 47 -6.18 7.14 -7.61
C GLU A 47 -6.14 6.78 -6.13
N LYS A 48 -4.94 6.70 -5.57
CA LYS A 48 -4.77 6.37 -4.17
C LYS A 48 -5.59 7.32 -3.29
N GLN A 49 -5.71 8.56 -3.73
CA GLN A 49 -6.47 9.56 -2.99
C GLN A 49 -7.94 9.16 -2.94
N ILE A 50 -8.49 8.83 -4.11
CA ILE A 50 -9.88 8.41 -4.21
C ILE A 50 -10.05 7.06 -3.55
N PHE A 51 -9.01 6.22 -3.65
CA PHE A 51 -9.04 4.90 -3.06
C PHE A 51 -9.11 5.01 -1.54
N GLU A 52 -8.27 5.89 -0.98
CA GLU A 52 -8.26 6.10 0.46
C GLU A 52 -9.63 6.56 0.93
N ASP A 53 -10.22 7.49 0.18
CA ASP A 53 -11.54 7.98 0.50
C ASP A 53 -12.58 6.89 0.32
N HIS A 54 -12.38 6.05 -0.70
CA HIS A 54 -13.28 4.95 -0.98
C HIS A 54 -13.29 3.93 0.15
N VAL A 55 -12.10 3.54 0.60
CA VAL A 55 -11.99 2.58 1.70
C VAL A 55 -12.51 3.18 3.00
N PHE A 56 -12.32 4.49 3.15
CA PHE A 56 -12.79 5.19 4.34
C PHE A 56 -14.30 5.14 4.44
N CYS A 57 -14.98 5.34 3.33
CA CYS A 57 -16.44 5.30 3.29
C CYS A 57 -16.96 3.99 3.87
N HIS A 58 -16.18 2.93 3.70
CA HIS A 58 -16.55 1.61 4.20
C HIS A 58 -16.29 1.49 5.70
N SER A 59 -15.38 2.33 6.21
CA SER A 59 -15.05 2.31 7.63
C SER A 59 -15.93 3.29 8.41
N LEU A 60 -16.61 4.18 7.70
CA LEU A 60 -17.48 5.16 8.33
C LEU A 60 -18.63 5.55 7.39
N SER A 4 20.53 -25.24 9.34
CA SER A 4 19.56 -25.96 8.46
C SER A 4 18.88 -27.10 9.21
N PRO A 5 17.71 -26.81 9.84
CA PRO A 5 16.97 -27.81 10.60
C PRO A 5 16.34 -28.87 9.69
N LEU A 6 15.98 -28.46 8.49
CA LEU A 6 15.36 -29.38 7.52
C LEU A 6 15.42 -28.80 6.11
N SER A 7 15.08 -27.52 5.99
CA SER A 7 15.09 -26.83 4.70
C SER A 7 14.68 -25.38 4.85
N ILE A 8 13.69 -25.14 5.72
CA ILE A 8 13.20 -23.79 5.95
C ILE A 8 12.97 -23.54 7.44
N LYS A 9 13.18 -22.30 7.87
CA LYS A 9 13.00 -21.94 9.28
C LYS A 9 13.06 -20.42 9.45
N LYS A 10 11.93 -19.82 9.77
CA LYS A 10 11.85 -18.38 9.97
C LYS A 10 11.90 -18.03 11.45
N CYS A 11 12.91 -17.25 11.83
CA CYS A 11 13.08 -16.84 13.22
C CYS A 11 12.21 -15.63 13.54
N PRO A 12 11.52 -15.64 14.69
CA PRO A 12 10.66 -14.53 15.10
C PRO A 12 11.44 -13.23 15.22
N ILE A 13 10.87 -12.17 14.65
CA ILE A 13 11.50 -10.85 14.68
C ILE A 13 10.84 -9.95 15.72
N CYS A 14 10.39 -10.56 16.82
CA CYS A 14 9.74 -9.80 17.89
C CYS A 14 9.72 -10.61 19.18
N LYS A 15 9.35 -11.88 19.08
CA LYS A 15 9.29 -12.76 20.24
C LYS A 15 10.66 -12.89 20.90
N ALA A 16 11.71 -12.75 20.10
CA ALA A 16 13.07 -12.86 20.61
C ALA A 16 13.37 -11.75 21.61
N ASP A 17 12.73 -10.60 21.43
CA ASP A 17 12.92 -9.45 22.31
C ASP A 17 11.77 -9.34 23.31
N ASP A 18 10.72 -10.14 23.12
CA ASP A 18 9.55 -10.13 24.00
C ASP A 18 8.55 -9.04 23.59
N ILE A 19 9.02 -8.02 22.88
CA ILE A 19 8.17 -6.93 22.45
C ILE A 19 8.95 -5.91 21.61
N CYS A 20 8.66 -5.86 20.32
CA CYS A 20 9.34 -4.94 19.42
C CYS A 20 8.34 -4.17 18.57
N ASP A 21 8.82 -3.15 17.87
CA ASP A 21 7.97 -2.34 17.01
C ASP A 21 7.89 -2.92 15.61
N HIS A 22 6.92 -3.80 15.38
CA HIS A 22 6.74 -4.43 14.08
C HIS A 22 6.48 -3.38 13.00
N THR A 23 5.72 -2.36 13.34
CA THR A 23 5.38 -1.29 12.40
C THR A 23 4.67 -1.85 11.17
N LEU A 24 3.35 -1.75 11.18
CA LEU A 24 2.54 -2.24 10.07
C LEU A 24 2.87 -1.49 8.79
N GLU A 25 3.23 -0.22 8.93
CA GLU A 25 3.56 0.62 7.78
C GLU A 25 4.81 0.09 7.07
N GLN A 26 5.84 -0.19 7.85
CA GLN A 26 7.10 -0.71 7.31
C GLN A 26 6.91 -2.11 6.72
N GLN A 27 5.98 -2.87 7.31
CA GLN A 27 5.71 -4.23 6.86
C GLN A 27 4.98 -4.21 5.52
N GLN A 28 4.18 -3.17 5.30
CA GLN A 28 3.43 -3.05 4.06
C GLN A 28 4.19 -2.20 3.04
N MET A 29 4.03 -2.54 1.76
CA MET A 29 4.71 -1.80 0.69
C MET A 29 3.78 -0.76 0.09
N GLN A 30 4.17 -0.22 -1.06
CA GLN A 30 3.37 0.80 -1.75
C GLN A 30 3.07 0.38 -3.19
N PRO A 31 2.12 -0.55 -3.37
CA PRO A 31 1.75 -1.03 -4.71
C PRO A 31 1.21 0.09 -5.60
N LEU A 32 1.42 -0.04 -6.90
CA LEU A 32 0.96 0.97 -7.84
C LEU A 32 -0.53 0.84 -8.12
N CYS A 33 -1.13 -0.25 -7.65
CA CYS A 33 -2.56 -0.47 -7.85
C CYS A 33 -3.23 -0.83 -6.52
N PHE A 34 -4.54 -0.62 -6.45
CA PHE A 34 -5.28 -0.93 -5.24
C PHE A 34 -6.52 -1.76 -5.55
N ASN A 35 -6.93 -2.59 -4.58
CA ASN A 35 -8.09 -3.44 -4.75
C ASN A 35 -8.90 -3.50 -3.46
N CYS A 36 -10.12 -2.97 -3.51
CA CYS A 36 -11.00 -2.97 -2.35
C CYS A 36 -11.70 -4.31 -2.19
N PRO A 37 -11.37 -5.06 -1.12
CA PRO A 37 -11.99 -6.37 -0.87
C PRO A 37 -13.42 -6.25 -0.32
N ILE A 38 -13.86 -5.02 -0.12
CA ILE A 38 -15.20 -4.76 0.39
C ILE A 38 -16.18 -4.51 -0.75
N CYS A 39 -15.68 -3.94 -1.84
CA CYS A 39 -16.52 -3.62 -3.00
C CYS A 39 -15.99 -4.26 -4.27
N ASP A 40 -14.77 -4.78 -4.22
CA ASP A 40 -14.15 -5.42 -5.39
C ASP A 40 -13.87 -4.38 -6.48
N LYS A 41 -13.38 -3.22 -6.06
CA LYS A 41 -13.08 -2.14 -6.99
C LYS A 41 -11.58 -1.87 -7.05
N ILE A 42 -11.05 -1.66 -8.25
CA ILE A 42 -9.64 -1.39 -8.44
C ILE A 42 -9.38 0.10 -8.56
N PHE A 43 -8.29 0.57 -7.95
CA PHE A 43 -7.95 1.99 -7.99
C PHE A 43 -6.46 2.19 -8.32
N PRO A 44 -6.16 2.84 -9.46
CA PRO A 44 -4.77 3.09 -9.87
C PRO A 44 -4.00 3.88 -8.82
N ALA A 45 -2.68 3.78 -8.86
CA ALA A 45 -1.82 4.49 -7.91
C ALA A 45 -2.15 5.98 -7.88
N THR A 46 -2.54 6.52 -9.03
CA THR A 46 -2.89 7.93 -9.11
C THR A 46 -4.24 8.19 -8.44
N GLU A 47 -5.06 7.14 -8.34
CA GLU A 47 -6.36 7.25 -7.71
C GLU A 47 -6.27 6.88 -6.23
N LYS A 48 -5.06 6.86 -5.68
CA LYS A 48 -4.85 6.52 -4.28
C LYS A 48 -5.69 7.42 -3.39
N GLN A 49 -5.85 8.68 -3.82
CA GLN A 49 -6.64 9.64 -3.07
C GLN A 49 -8.09 9.20 -3.03
N ILE A 50 -8.63 8.87 -4.20
CA ILE A 50 -10.00 8.40 -4.31
C ILE A 50 -10.14 7.03 -3.63
N PHE A 51 -9.08 6.23 -3.71
CA PHE A 51 -9.06 4.93 -3.11
C PHE A 51 -9.15 5.05 -1.59
N GLU A 52 -8.34 5.94 -1.03
CA GLU A 52 -8.33 6.17 0.41
C GLU A 52 -9.71 6.59 0.87
N ASP A 53 -10.33 7.50 0.11
CA ASP A 53 -11.67 7.97 0.44
C ASP A 53 -12.68 6.84 0.26
N HIS A 54 -12.45 6.01 -0.75
CA HIS A 54 -13.33 4.88 -1.04
C HIS A 54 -13.30 3.86 0.10
N VAL A 55 -12.10 3.51 0.55
CA VAL A 55 -11.96 2.54 1.64
C VAL A 55 -12.47 3.14 2.95
N PHE A 56 -12.31 4.45 3.09
CA PHE A 56 -12.75 5.15 4.30
C PHE A 56 -14.27 5.07 4.43
N CYS A 57 -14.97 5.27 3.33
CA CYS A 57 -16.43 5.21 3.33
C CYS A 57 -16.93 3.89 3.90
N HIS A 58 -16.13 2.84 3.72
CA HIS A 58 -16.47 1.52 4.22
C HIS A 58 -16.18 1.39 5.71
N SER A 59 -15.31 2.27 6.22
CA SER A 59 -14.96 2.26 7.64
C SER A 59 -15.74 3.32 8.41
N LEU A 60 -16.35 4.26 7.68
CA LEU A 60 -17.12 5.33 8.30
C LEU A 60 -18.21 5.83 7.37
N SER A 4 -9.83 18.63 -21.21
CA SER A 4 -10.81 17.69 -20.61
C SER A 4 -10.71 17.67 -19.09
N PRO A 5 -11.85 17.48 -18.40
CA PRO A 5 -11.88 17.45 -16.93
C PRO A 5 -11.20 16.20 -16.36
N LEU A 6 -10.09 16.42 -15.67
CA LEU A 6 -9.33 15.31 -15.08
C LEU A 6 -8.70 15.73 -13.76
N SER A 7 -8.07 14.77 -13.08
CA SER A 7 -7.43 15.04 -11.80
C SER A 7 -5.91 15.16 -11.97
N ILE A 8 -5.20 15.29 -10.85
CA ILE A 8 -3.75 15.41 -10.87
C ILE A 8 -3.10 14.28 -10.09
N LYS A 9 -1.79 14.10 -10.29
CA LYS A 9 -1.05 13.05 -9.60
C LYS A 9 0.23 13.61 -8.99
N LYS A 10 0.20 14.88 -8.60
CA LYS A 10 1.35 15.54 -8.01
C LYS A 10 1.05 15.98 -6.58
N CYS A 11 1.63 15.28 -5.61
CA CYS A 11 1.42 15.61 -4.20
C CYS A 11 2.73 16.05 -3.54
N PRO A 12 2.75 17.26 -2.95
CA PRO A 12 3.95 17.77 -2.29
C PRO A 12 4.50 16.81 -1.25
N ILE A 13 5.81 16.59 -1.29
CA ILE A 13 6.45 15.69 -0.35
C ILE A 13 7.82 16.24 0.09
N CYS A 14 7.80 17.13 1.07
CA CYS A 14 9.03 17.73 1.57
C CYS A 14 9.00 17.85 3.09
N LYS A 15 10.11 17.49 3.73
CA LYS A 15 10.20 17.55 5.18
C LYS A 15 10.47 18.98 5.65
N ALA A 16 11.01 19.80 4.76
CA ALA A 16 11.31 21.20 5.09
C ALA A 16 10.05 21.98 5.41
N ASP A 17 8.90 21.43 5.02
CA ASP A 17 7.62 22.09 5.27
C ASP A 17 7.11 21.79 6.67
N ASP A 18 7.61 20.70 7.26
CA ASP A 18 7.20 20.31 8.61
C ASP A 18 5.73 19.92 8.64
N ILE A 19 5.21 19.72 9.85
CA ILE A 19 3.80 19.34 10.05
C ILE A 19 3.36 18.29 9.03
N CYS A 20 4.28 17.43 8.63
CA CYS A 20 3.99 16.37 7.68
C CYS A 20 4.88 15.16 7.91
N ASP A 21 4.26 14.01 8.14
CA ASP A 21 5.00 12.78 8.39
C ASP A 21 4.90 11.84 7.18
N HIS A 22 5.92 11.87 6.32
CA HIS A 22 5.95 11.03 5.13
C HIS A 22 6.30 9.59 5.51
N THR A 23 7.08 9.43 6.57
CA THR A 23 7.49 8.10 7.02
C THR A 23 8.37 7.42 5.98
N LEU A 24 9.50 6.88 6.42
CA LEU A 24 10.42 6.21 5.53
C LEU A 24 9.78 4.97 4.90
N GLU A 25 8.91 4.31 5.67
CA GLU A 25 8.22 3.11 5.19
C GLU A 25 7.31 3.44 4.02
N GLN A 26 6.51 4.50 4.17
CA GLN A 26 5.60 4.91 3.12
C GLN A 26 6.36 5.34 1.87
N GLN A 27 7.54 5.90 2.06
CA GLN A 27 8.36 6.34 0.94
C GLN A 27 9.04 5.16 0.26
N GLN A 28 9.35 4.12 1.04
CA GLN A 28 10.00 2.93 0.52
C GLN A 28 9.00 2.05 -0.22
N MET A 29 7.82 1.88 0.36
CA MET A 29 6.77 1.06 -0.24
C MET A 29 5.76 1.94 -0.97
N GLN A 30 5.75 1.85 -2.29
CA GLN A 30 4.82 2.64 -3.10
C GLN A 30 4.00 1.72 -4.02
N PRO A 31 2.75 1.42 -3.64
CA PRO A 31 1.87 0.55 -4.44
C PRO A 31 1.60 1.12 -5.83
N LEU A 32 1.28 0.25 -6.77
CA LEU A 32 0.99 0.66 -8.14
C LEU A 32 -0.50 0.56 -8.43
N CYS A 33 -1.20 -0.28 -7.68
CA CYS A 33 -2.64 -0.46 -7.86
C CYS A 33 -3.29 -0.85 -6.54
N PHE A 34 -4.62 -0.77 -6.49
CA PHE A 34 -5.36 -1.11 -5.29
C PHE A 34 -6.61 -1.92 -5.62
N ASN A 35 -7.04 -2.74 -4.65
CA ASN A 35 -8.23 -3.57 -4.83
C ASN A 35 -9.06 -3.59 -3.54
N CYS A 36 -10.25 -3.01 -3.60
CA CYS A 36 -11.13 -2.98 -2.44
C CYS A 36 -11.85 -4.32 -2.25
N PRO A 37 -11.53 -5.06 -1.17
CA PRO A 37 -12.16 -6.35 -0.89
C PRO A 37 -13.58 -6.21 -0.37
N ILE A 38 -14.01 -4.96 -0.16
CA ILE A 38 -15.34 -4.68 0.35
C ILE A 38 -16.32 -4.40 -0.79
N CYS A 39 -15.81 -3.85 -1.88
CA CYS A 39 -16.65 -3.52 -3.03
C CYS A 39 -16.14 -4.19 -4.31
N ASP A 40 -14.94 -4.76 -4.25
CA ASP A 40 -14.36 -5.43 -5.42
C ASP A 40 -14.02 -4.43 -6.52
N LYS A 41 -13.58 -3.25 -6.11
CA LYS A 41 -13.22 -2.19 -7.06
C LYS A 41 -11.71 -1.96 -7.06
N ILE A 42 -11.15 -1.77 -8.25
CA ILE A 42 -9.72 -1.53 -8.39
C ILE A 42 -9.42 -0.03 -8.51
N PHE A 43 -8.36 0.40 -7.85
CA PHE A 43 -7.97 1.81 -7.90
C PHE A 43 -6.48 1.96 -8.19
N PRO A 44 -6.12 2.66 -9.29
CA PRO A 44 -4.72 2.87 -9.66
C PRO A 44 -3.96 3.70 -8.62
N ALA A 45 -2.64 3.57 -8.61
CA ALA A 45 -1.81 4.30 -7.65
C ALA A 45 -2.11 5.80 -7.70
N THR A 46 -2.45 6.30 -8.87
CA THR A 46 -2.77 7.71 -9.04
C THR A 46 -4.11 8.03 -8.38
N GLU A 47 -4.97 7.01 -8.28
CA GLU A 47 -6.27 7.17 -7.67
C GLU A 47 -6.22 6.81 -6.19
N LYS A 48 -5.01 6.74 -5.63
CA LYS A 48 -4.82 6.41 -4.23
C LYS A 48 -5.63 7.36 -3.36
N GLN A 49 -5.77 8.60 -3.81
CA GLN A 49 -6.53 9.60 -3.08
C GLN A 49 -8.00 9.19 -3.02
N ILE A 50 -8.55 8.84 -4.18
CA ILE A 50 -9.93 8.39 -4.27
C ILE A 50 -10.09 7.05 -3.60
N PHE A 51 -9.04 6.23 -3.71
CA PHE A 51 -9.04 4.90 -3.11
C PHE A 51 -9.11 5.03 -1.59
N GLU A 52 -8.29 5.92 -1.04
CA GLU A 52 -8.27 6.14 0.40
C GLU A 52 -9.65 6.59 0.87
N ASP A 53 -10.25 7.50 0.12
CA ASP A 53 -11.58 7.99 0.45
C ASP A 53 -12.61 6.86 0.28
N HIS A 54 -12.40 6.04 -0.74
CA HIS A 54 -13.29 4.93 -1.03
C HIS A 54 -13.28 3.90 0.10
N VAL A 55 -12.08 3.52 0.55
CA VAL A 55 -11.95 2.56 1.63
C VAL A 55 -12.46 3.14 2.94
N PHE A 56 -12.28 4.46 3.10
CA PHE A 56 -12.72 5.15 4.29
C PHE A 56 -14.24 5.08 4.44
N CYS A 57 -14.94 5.30 3.34
CA CYS A 57 -16.40 5.26 3.34
C CYS A 57 -16.91 3.93 3.89
N HIS A 58 -16.12 2.88 3.69
CA HIS A 58 -16.47 1.54 4.17
C HIS A 58 -16.18 1.41 5.66
N SER A 59 -15.23 2.21 6.15
CA SER A 59 -14.86 2.17 7.56
C SER A 59 -15.63 3.22 8.36
N LEU A 60 -16.24 4.17 7.66
CA LEU A 60 -17.01 5.23 8.30
C LEU A 60 -18.07 5.77 7.36
#